data_3NX4
#
_entry.id   3NX4
#
_cell.length_a   103.218
_cell.length_b   122.364
_cell.length_c   64.912
_cell.angle_alpha   90.0
_cell.angle_beta   121.1
_cell.angle_gamma   90.0
#
_symmetry.space_group_name_H-M   'C 1 2 1'
#
loop_
_entity.id
_entity.type
_entity.pdbx_description
1 polymer 'Putative oxidoreductase'
2 non-polymer 'NADP NICOTINAMIDE-ADENINE-DINUCLEOTIDE PHOSPHATE'
3 water water
#
_entity_poly.entity_id   1
_entity_poly.type   'polypeptide(L)'
_entity_poly.pdbx_seq_one_letter_code
;(MSE)QALILEQQDGKTLASVQHLEESQLPAGDVTVDVHWSSLNYKDALAITGKGKIIRHFP(MSE)IPGIDFAGTVHAS
EDPRFHAGQEVLLTGWGVGENHWGGLAERARVKGDWLVALPAGLSSRNA(MSE)IIGTAGFTA(MSE)LCV(MSE)ALED
AGIRPQDGEVVVTGASGGVGSTAVALLHKLGYQVAAVSGRESTHGYLKSLGANRILSRDEFAESRPLEKQLWAGAIDTVG
DKVLAKVLAQ(MSE)NYGGCVAACGLAGGFALPTTV(MSE)PFILRNVRLQGVDSV(MSE)TPPARRAEAWARLVKDLPE
SFYAQAATEITLADAPKFADAIINNQVQGRTLVKIK
;
_entity_poly.pdbx_strand_id   A,B
#
loop_
_chem_comp.id
_chem_comp.type
_chem_comp.name
_chem_comp.formula
NAP non-polymer 'NADP NICOTINAMIDE-ADENINE-DINUCLEOTIDE PHOSPHATE' 'C21 H28 N7 O17 P3'
#
# COMPACT_ATOMS: atom_id res chain seq x y z
N MSE A 1 16.78 -15.28 40.35
CA MSE A 1 16.90 -15.26 38.90
C MSE A 1 17.76 -14.11 38.38
O MSE A 1 17.93 -13.10 39.05
CB MSE A 1 15.52 -15.23 38.24
CG MSE A 1 14.64 -14.07 38.71
SE MSE A 1 13.09 -13.75 37.56
CE MSE A 1 14.02 -13.28 35.89
N GLN A 2 18.40 -14.31 37.23
CA GLN A 2 19.13 -13.26 36.53
C GLN A 2 18.43 -12.57 35.45
N ALA A 3 18.46 -11.26 35.32
CA ALA A 3 17.86 -10.60 34.17
C ALA A 3 18.60 -9.33 33.75
N LEU A 4 18.48 -8.95 32.49
CA LEU A 4 19.06 -7.72 32.03
C LEU A 4 18.08 -6.62 32.40
N ILE A 5 18.55 -5.62 33.10
CA ILE A 5 17.69 -4.56 33.60
C ILE A 5 18.01 -3.19 33.06
N LEU A 6 16.99 -2.46 32.65
CA LEU A 6 17.15 -1.13 32.14
C LEU A 6 16.61 -0.10 33.12
N GLU A 7 17.45 0.88 33.43
CA GLU A 7 17.10 1.99 34.31
C GLU A 7 17.69 3.25 33.70
N GLN A 8 17.00 4.39 33.84
CA GLN A 8 17.55 5.63 33.29
C GLN A 8 17.85 6.63 34.40
N GLN A 9 19.12 6.97 34.56
CA GLN A 9 19.52 7.92 35.60
C GLN A 9 19.00 9.33 35.41
N ASP A 10 19.18 9.85 34.20
CA ASP A 10 18.75 11.21 33.89
C ASP A 10 18.57 11.33 32.38
N GLY A 11 17.43 10.87 31.87
CA GLY A 11 17.19 10.94 30.44
C GLY A 11 18.08 10.02 29.66
N LYS A 12 18.89 9.24 30.38
CA LYS A 12 19.77 8.27 29.74
C LYS A 12 19.57 6.89 30.35
N THR A 13 19.45 5.89 29.48
CA THR A 13 19.25 4.52 29.91
C THR A 13 20.53 3.81 30.37
N LEU A 14 20.42 3.02 31.42
CA LEU A 14 21.54 2.24 31.92
C LEU A 14 21.15 0.77 31.90
N ALA A 15 21.99 -0.07 31.31
CA ALA A 15 21.69 -1.49 31.21
C ALA A 15 22.71 -2.34 31.92
N SER A 16 22.24 -3.23 32.77
CA SER A 16 23.12 -4.12 33.49
C SER A 16 22.43 -5.41 33.82
N VAL A 17 23.18 -6.50 33.90
CA VAL A 17 22.59 -7.75 34.30
C VAL A 17 22.53 -7.75 35.82
N GLN A 18 21.37 -8.11 36.35
CA GLN A 18 21.12 -8.12 37.78
C GLN A 18 20.43 -9.39 38.23
N HIS A 19 20.45 -9.60 39.52
CA HIS A 19 19.76 -10.71 40.14
C HIS A 19 18.54 -10.14 40.81
N LEU A 20 17.42 -10.84 40.68
CA LEU A 20 16.19 -10.40 41.28
C LEU A 20 15.35 -11.59 41.68
N GLU A 21 14.36 -11.34 42.52
CA GLU A 21 13.44 -12.40 42.91
C GLU A 21 12.34 -12.58 41.88
N GLU A 22 11.96 -13.82 41.67
CA GLU A 22 10.96 -14.18 40.69
C GLU A 22 9.67 -13.47 40.98
N SER A 23 9.40 -13.28 42.27
CA SER A 23 8.16 -12.64 42.73
C SER A 23 8.04 -11.18 42.28
N GLN A 24 9.11 -10.65 41.69
CA GLN A 24 9.10 -9.28 41.19
C GLN A 24 8.54 -9.18 39.78
N LEU A 25 8.42 -10.33 39.10
CA LEU A 25 7.89 -10.35 37.74
C LEU A 25 6.45 -9.84 37.71
N PRO A 26 6.03 -9.27 36.58
CA PRO A 26 4.64 -8.79 36.47
C PRO A 26 3.66 -9.95 36.67
N ALA A 27 2.39 -9.63 36.85
CA ALA A 27 1.39 -10.68 37.02
C ALA A 27 1.03 -11.28 35.67
N GLY A 28 0.73 -12.58 35.65
CA GLY A 28 0.33 -13.26 34.44
C GLY A 28 0.05 -14.73 34.69
N ASP A 29 -0.72 -15.33 33.79
CA ASP A 29 -1.16 -16.71 33.97
C ASP A 29 -0.08 -17.75 33.72
N VAL A 30 0.91 -17.43 32.89
CA VAL A 30 1.88 -18.44 32.51
C VAL A 30 3.30 -18.02 32.86
N THR A 31 3.97 -18.85 33.65
CA THR A 31 5.37 -18.64 34.02
C THR A 31 6.28 -19.52 33.17
N VAL A 32 7.24 -18.87 32.52
CA VAL A 32 8.12 -19.56 31.58
C VAL A 32 9.57 -19.48 32.04
N ASP A 33 10.24 -20.63 32.05
CA ASP A 33 11.68 -20.66 32.26
C ASP A 33 12.32 -20.47 30.90
N VAL A 34 12.95 -19.32 30.70
CA VAL A 34 13.48 -18.92 29.41
C VAL A 34 14.82 -19.59 29.10
N HIS A 35 14.94 -20.14 27.90
CA HIS A 35 16.19 -20.79 27.52
C HIS A 35 16.92 -20.04 26.43
N TRP A 36 16.17 -19.31 25.61
CA TRP A 36 16.74 -18.51 24.54
C TRP A 36 15.98 -17.20 24.38
N SER A 37 16.70 -16.15 23.99
CA SER A 37 16.07 -14.93 23.53
C SER A 37 16.84 -14.44 22.30
N SER A 38 16.61 -13.21 21.87
CA SER A 38 17.36 -12.65 20.77
C SER A 38 17.44 -11.13 20.89
N LEU A 39 18.25 -10.51 20.03
CA LEU A 39 18.28 -9.06 19.98
C LEU A 39 17.79 -8.60 18.62
N ASN A 40 16.70 -7.84 18.62
CA ASN A 40 16.19 -7.21 17.41
C ASN A 40 16.57 -5.74 17.42
N TYR A 41 16.37 -5.08 16.28
CA TYR A 41 16.63 -3.66 16.19
C TYR A 41 15.88 -2.92 17.30
N LYS A 42 14.62 -3.31 17.53
CA LYS A 42 13.84 -2.65 18.56
C LYS A 42 14.43 -2.86 19.96
N ASP A 43 14.93 -4.07 20.22
CA ASP A 43 15.60 -4.35 21.50
C ASP A 43 16.85 -3.48 21.64
N ALA A 44 17.58 -3.29 20.54
CA ALA A 44 18.80 -2.48 20.56
C ALA A 44 18.48 -1.02 20.86
N LEU A 45 17.40 -0.50 20.26
CA LEU A 45 16.92 0.83 20.58
C LEU A 45 16.58 0.97 22.06
N ALA A 46 15.83 0.00 22.58
CA ALA A 46 15.47 0.00 24.00
C ALA A 46 16.72 0.03 24.87
N ILE A 47 17.64 -0.88 24.60
CA ILE A 47 18.79 -1.09 25.48
C ILE A 47 19.76 0.09 25.44
N THR A 48 19.85 0.77 24.30
CA THR A 48 20.71 1.94 24.17
C THR A 48 19.99 3.24 24.53
N GLY A 49 18.69 3.15 24.80
CA GLY A 49 17.93 4.31 25.23
C GLY A 49 17.51 5.23 24.09
N LYS A 50 17.78 4.81 22.87
CA LYS A 50 17.35 5.57 21.70
C LYS A 50 15.96 5.10 21.25
N GLY A 51 15.22 5.98 20.59
CA GLY A 51 13.98 5.61 19.94
C GLY A 51 12.72 5.67 20.78
N LYS A 52 12.83 6.09 22.03
CA LYS A 52 11.66 6.27 22.88
C LYS A 52 10.83 4.98 22.97
N ILE A 53 11.50 3.83 22.81
CA ILE A 53 10.84 2.54 22.86
C ILE A 53 10.26 2.25 24.25
N ILE A 54 11.05 2.55 25.28
CA ILE A 54 10.62 2.29 26.64
C ILE A 54 10.20 3.56 27.37
N ARG A 55 8.95 3.60 27.82
CA ARG A 55 8.46 4.73 28.59
C ARG A 55 8.31 4.39 30.08
N HIS A 56 8.46 3.12 30.41
CA HIS A 56 8.34 2.67 31.79
C HIS A 56 9.66 2.06 32.28
N PHE A 57 10.12 2.48 33.45
CA PHE A 57 11.33 1.94 34.04
C PHE A 57 11.09 1.67 35.50
N PRO A 58 11.76 0.68 36.07
CA PRO A 58 12.72 -0.18 35.39
C PRO A 58 12.04 -1.19 34.46
N MSE A 59 12.76 -1.60 33.43
CA MSE A 59 12.23 -2.53 32.44
C MSE A 59 13.15 -3.67 32.09
O MSE A 59 14.33 -3.48 31.93
CB MSE A 59 11.88 -1.74 31.18
CG MSE A 59 11.56 -2.60 29.97
SE MSE A 59 9.83 -3.40 30.12
CE MSE A 59 8.81 -1.78 30.31
N ILE A 60 12.60 -4.86 31.93
CA ILE A 60 13.36 -5.98 31.44
C ILE A 60 13.02 -6.00 29.96
N PRO A 61 14.00 -5.77 29.10
CA PRO A 61 13.74 -5.70 27.67
C PRO A 61 13.73 -7.10 27.05
N GLY A 62 13.53 -7.15 25.74
CA GLY A 62 13.51 -8.41 25.02
C GLY A 62 12.10 -8.74 24.54
N ILE A 63 11.86 -8.54 23.26
CA ILE A 63 10.52 -8.73 22.70
C ILE A 63 10.28 -10.19 22.32
N ASP A 64 11.31 -11.01 22.42
CA ASP A 64 11.20 -12.43 22.09
C ASP A 64 11.67 -13.30 23.25
N PHE A 65 11.15 -14.51 23.33
CA PHE A 65 11.77 -15.54 24.14
C PHE A 65 11.26 -16.92 23.76
N ALA A 66 12.02 -17.95 24.11
CA ALA A 66 11.56 -19.33 23.98
C ALA A 66 11.98 -20.08 25.23
N GLY A 67 11.10 -20.92 25.76
CA GLY A 67 11.43 -21.67 26.95
C GLY A 67 10.38 -22.70 27.28
N THR A 68 10.41 -23.17 28.52
CA THR A 68 9.53 -24.22 28.98
C THR A 68 8.62 -23.67 30.07
N VAL A 69 7.33 -23.99 29.98
CA VAL A 69 6.38 -23.57 30.99
C VAL A 69 6.71 -24.22 32.34
N HIS A 70 6.90 -23.38 33.36
CA HIS A 70 7.08 -23.90 34.72
C HIS A 70 5.71 -24.15 35.36
N ALA A 71 4.82 -23.17 35.23
CA ALA A 71 3.47 -23.28 35.76
C ALA A 71 2.50 -22.47 34.91
N SER A 72 1.24 -22.89 34.90
CA SER A 72 0.22 -22.21 34.13
C SER A 72 -1.15 -22.24 34.79
N GLU A 73 -1.79 -21.08 34.84
CA GLU A 73 -3.20 -20.97 35.23
C GLU A 73 -4.10 -20.87 34.00
N ASP A 74 -3.48 -20.95 32.82
CA ASP A 74 -4.21 -20.91 31.56
C ASP A 74 -4.44 -22.34 31.10
N PRO A 75 -5.69 -22.72 30.83
CA PRO A 75 -5.96 -24.12 30.49
C PRO A 75 -5.33 -24.55 29.14
N ARG A 76 -4.80 -23.61 28.36
CA ARG A 76 -4.19 -23.96 27.08
C ARG A 76 -2.71 -24.34 27.20
N PHE A 77 -2.12 -24.11 28.37
CA PHE A 77 -0.70 -24.40 28.58
C PHE A 77 -0.48 -25.22 29.84
N HIS A 78 0.54 -26.07 29.82
CA HIS A 78 0.79 -26.97 30.94
C HIS A 78 2.27 -26.98 31.31
N ALA A 79 2.57 -27.41 32.53
CA ALA A 79 3.95 -27.48 32.98
C ALA A 79 4.73 -28.45 32.09
N GLY A 80 5.92 -28.03 31.67
CA GLY A 80 6.75 -28.87 30.81
C GLY A 80 6.62 -28.56 29.33
N GLN A 81 5.63 -27.77 28.96
CA GLN A 81 5.37 -27.46 27.56
C GLN A 81 6.40 -26.49 26.99
N GLU A 82 6.89 -26.77 25.77
CA GLU A 82 7.76 -25.84 25.05
C GLU A 82 6.95 -24.74 24.36
N VAL A 83 7.34 -23.48 24.57
CA VAL A 83 6.62 -22.34 23.98
C VAL A 83 7.56 -21.25 23.47
N LEU A 84 7.03 -20.36 22.65
CA LEU A 84 7.79 -19.20 22.22
C LEU A 84 6.91 -17.97 22.32
N LEU A 85 7.53 -16.79 22.33
CA LEU A 85 6.77 -15.55 22.29
C LEU A 85 7.54 -14.51 21.51
N THR A 86 6.82 -13.80 20.66
CA THR A 86 7.34 -12.57 20.06
C THR A 86 6.24 -11.51 20.15
N GLY A 87 6.64 -10.28 20.46
CA GLY A 87 5.73 -9.15 20.30
C GLY A 87 4.76 -8.93 21.43
N TRP A 88 3.54 -8.50 21.07
CA TRP A 88 2.45 -8.23 22.01
C TRP A 88 2.75 -7.16 23.07
N GLY A 89 3.81 -6.40 22.85
CA GLY A 89 4.22 -5.36 23.77
C GLY A 89 5.21 -5.84 24.81
N VAL A 90 5.50 -7.14 24.78
CA VAL A 90 6.48 -7.69 25.69
C VAL A 90 7.80 -7.05 25.32
N GLY A 91 8.57 -6.64 26.32
CA GLY A 91 9.84 -5.99 26.10
C GLY A 91 9.68 -4.52 25.82
N GLU A 92 8.45 -4.04 25.77
CA GLU A 92 8.17 -2.62 25.57
C GLU A 92 7.37 -1.99 26.71
N ASN A 93 6.31 -2.69 27.13
CA ASN A 93 5.48 -2.28 28.25
C ASN A 93 5.31 -3.40 29.26
N HIS A 94 5.88 -4.56 28.97
CA HIS A 94 5.79 -5.71 29.86
C HIS A 94 7.16 -6.36 30.00
N TRP A 95 7.58 -6.66 31.22
CA TRP A 95 8.87 -7.31 31.42
C TRP A 95 9.04 -8.49 30.47
N GLY A 96 10.18 -8.54 29.80
CA GLY A 96 10.35 -9.39 28.65
C GLY A 96 11.34 -10.55 28.72
N GLY A 97 11.92 -10.86 27.57
CA GLY A 97 12.56 -12.14 27.36
C GLY A 97 14.02 -12.22 27.72
N LEU A 98 14.65 -11.09 27.96
CA LEU A 98 16.08 -11.10 28.28
C LEU A 98 16.26 -11.31 29.78
N ALA A 99 15.80 -12.48 30.24
CA ALA A 99 15.83 -12.85 31.64
C ALA A 99 15.65 -14.36 31.77
N GLU A 100 15.94 -14.89 32.95
CA GLU A 100 15.85 -16.32 33.15
C GLU A 100 14.41 -16.81 33.25
N ARG A 101 13.50 -15.92 33.63
CA ARG A 101 12.08 -16.25 33.72
C ARG A 101 11.23 -15.12 33.18
N ALA A 102 10.04 -15.47 32.69
CA ALA A 102 9.09 -14.48 32.22
C ALA A 102 7.70 -14.92 32.67
N ARG A 103 6.82 -13.96 32.89
CA ARG A 103 5.43 -14.26 33.25
C ARG A 103 4.52 -13.44 32.36
N VAL A 104 3.62 -14.11 31.66
CA VAL A 104 2.85 -13.49 30.59
C VAL A 104 1.46 -14.07 30.46
N LYS A 105 0.64 -13.43 29.64
CA LYS A 105 -0.70 -13.92 29.38
C LYS A 105 -0.62 -15.07 28.39
N GLY A 106 -1.44 -16.09 28.60
CA GLY A 106 -1.52 -17.19 27.64
C GLY A 106 -1.75 -16.74 26.21
N ASP A 107 -2.52 -15.67 26.02
CA ASP A 107 -2.83 -15.16 24.68
C ASP A 107 -1.58 -14.78 23.86
N TRP A 108 -0.48 -14.46 24.53
CA TRP A 108 0.71 -13.96 23.85
C TRP A 108 1.69 -15.06 23.45
N LEU A 109 1.40 -16.28 23.90
CA LEU A 109 2.31 -17.38 23.69
C LEU A 109 1.96 -18.15 22.43
N VAL A 110 2.95 -18.83 21.87
CA VAL A 110 2.74 -19.74 20.77
C VAL A 110 3.35 -21.08 21.16
N ALA A 111 2.58 -22.16 21.07
CA ALA A 111 3.16 -23.49 21.33
C ALA A 111 4.31 -23.73 20.35
N LEU A 112 5.44 -24.23 20.84
CA LEU A 112 6.61 -24.40 19.97
C LEU A 112 6.26 -25.30 18.80
N PRO A 113 6.36 -24.78 17.57
CA PRO A 113 5.87 -25.55 16.42
C PRO A 113 6.62 -26.86 16.29
N ALA A 114 5.93 -27.92 15.88
CA ALA A 114 6.59 -29.18 15.58
C ALA A 114 7.62 -28.94 14.48
N GLY A 115 8.78 -29.57 14.60
CA GLY A 115 9.85 -29.41 13.65
C GLY A 115 10.77 -28.23 13.95
N LEU A 116 10.41 -27.41 14.92
CA LEU A 116 11.23 -26.24 15.23
C LEU A 116 11.83 -26.35 16.63
N SER A 117 13.16 -26.27 16.72
CA SER A 117 13.83 -26.30 18.01
C SER A 117 13.64 -24.96 18.72
N SER A 118 13.69 -24.98 20.04
CA SER A 118 13.59 -23.76 20.83
C SER A 118 14.70 -22.77 20.42
N ARG A 119 15.91 -23.28 20.19
CA ARG A 119 17.03 -22.43 19.78
C ARG A 119 16.78 -21.79 18.41
N ASN A 120 16.30 -22.59 17.47
CA ASN A 120 16.01 -22.05 16.13
C ASN A 120 14.86 -21.06 16.10
N ALA A 121 13.90 -21.23 17.02
CA ALA A 121 12.76 -20.33 17.12
C ALA A 121 13.24 -18.91 17.40
N MSE A 122 14.34 -18.80 18.14
CA MSE A 122 14.87 -17.49 18.52
C MSE A 122 15.89 -16.95 17.51
O MSE A 122 16.06 -15.74 17.39
CB MSE A 122 15.45 -17.54 19.93
CG MSE A 122 14.36 -17.63 21.02
SE MSE A 122 13.23 -16.06 20.96
CE MSE A 122 11.66 -16.82 20.06
N ILE A 123 16.58 -17.84 16.81
CA ILE A 123 17.35 -17.38 15.65
C ILE A 123 16.40 -16.66 14.70
N ILE A 124 15.19 -17.20 14.55
CA ILE A 124 14.15 -16.52 13.79
C ILE A 124 13.72 -15.25 14.50
N GLY A 125 13.13 -15.39 15.68
CA GLY A 125 12.73 -14.26 16.50
C GLY A 125 11.74 -13.33 15.79
N THR A 126 11.60 -12.12 16.30
CA THR A 126 10.75 -11.13 15.68
C THR A 126 11.20 -10.80 14.25
N ALA A 127 12.51 -10.73 14.02
CA ALA A 127 13.03 -10.37 12.70
C ALA A 127 12.56 -11.34 11.63
N GLY A 128 12.76 -12.63 11.89
CA GLY A 128 12.40 -13.66 10.94
C GLY A 128 10.89 -13.84 10.79
N PHE A 129 10.17 -13.73 11.91
CA PHE A 129 8.70 -13.78 11.88
C PHE A 129 8.17 -12.65 11.00
N THR A 130 8.73 -11.46 11.17
CA THR A 130 8.43 -10.31 10.31
C THR A 130 8.78 -10.55 8.82
N ALA A 131 9.93 -11.13 8.53
CA ALA A 131 10.28 -11.41 7.15
C ALA A 131 9.22 -12.32 6.54
N MSE A 132 8.77 -13.30 7.33
CA MSE A 132 7.77 -14.23 6.85
C MSE A 132 6.45 -13.50 6.57
O MSE A 132 5.82 -13.74 5.53
CB MSE A 132 7.55 -15.37 7.86
CG MSE A 132 6.69 -16.50 7.32
SE MSE A 132 7.59 -17.55 5.90
CE MSE A 132 6.39 -17.18 4.56
N LEU A 133 6.02 -12.63 7.47
CA LEU A 133 4.83 -11.82 7.20
C LEU A 133 4.98 -10.99 5.91
N CYS A 134 6.21 -10.50 5.62
CA CYS A 134 6.43 -9.71 4.42
C CYS A 134 6.33 -10.56 3.17
N VAL A 135 6.92 -11.74 3.21
CA VAL A 135 6.80 -12.67 2.11
C VAL A 135 5.31 -13.02 1.87
N MSE A 136 4.56 -13.22 2.95
CA MSE A 136 3.14 -13.55 2.81
C MSE A 136 2.34 -12.40 2.17
O MSE A 136 1.40 -12.63 1.40
CB MSE A 136 2.57 -13.98 4.16
CG MSE A 136 3.05 -15.38 4.56
SE MSE A 136 2.65 -15.79 6.45
CE MSE A 136 0.73 -15.63 6.42
N ALA A 137 2.73 -11.17 2.48
CA ALA A 137 2.13 -9.98 1.86
C ALA A 137 2.36 -9.95 0.35
N LEU A 138 3.58 -10.27 -0.08
CA LEU A 138 3.86 -10.33 -1.51
C LEU A 138 3.00 -11.40 -2.16
N GLU A 139 2.88 -12.55 -1.50
CA GLU A 139 2.00 -13.62 -1.99
C GLU A 139 0.52 -13.17 -2.07
N ASP A 140 0.03 -12.50 -1.04
CA ASP A 140 -1.31 -11.92 -1.05
C ASP A 140 -1.51 -11.02 -2.28
N ALA A 141 -0.45 -10.35 -2.70
CA ALA A 141 -0.52 -9.42 -3.82
C ALA A 141 -0.39 -10.16 -5.16
N GLY A 142 -0.17 -11.47 -5.10
CA GLY A 142 -0.04 -12.27 -6.30
C GLY A 142 1.33 -12.20 -6.95
N ILE A 143 2.34 -11.78 -6.19
CA ILE A 143 3.70 -11.73 -6.73
C ILE A 143 4.34 -13.13 -6.73
N ARG A 144 4.50 -13.73 -7.91
CA ARG A 144 5.03 -15.09 -8.02
C ARG A 144 6.48 -15.02 -8.52
N PRO A 145 7.26 -16.09 -8.29
CA PRO A 145 8.65 -16.09 -8.78
C PRO A 145 8.75 -15.81 -10.28
N GLN A 146 7.78 -16.26 -11.07
CA GLN A 146 7.90 -16.02 -12.50
C GLN A 146 7.65 -14.56 -12.84
N ASP A 147 7.11 -13.80 -11.90
CA ASP A 147 6.65 -12.44 -12.24
C ASP A 147 7.76 -11.39 -12.33
N GLY A 148 8.89 -11.67 -11.70
CA GLY A 148 10.03 -10.78 -11.79
C GLY A 148 10.84 -10.75 -10.51
N GLU A 149 11.81 -9.83 -10.47
CA GLU A 149 12.80 -9.80 -9.39
C GLU A 149 12.24 -9.16 -8.12
N VAL A 150 12.64 -9.65 -6.97
CA VAL A 150 12.23 -9.06 -5.69
C VAL A 150 13.43 -8.43 -4.98
N VAL A 151 13.32 -7.15 -4.62
CA VAL A 151 14.43 -6.47 -3.92
C VAL A 151 14.23 -6.46 -2.40
N VAL A 152 15.30 -6.70 -1.66
CA VAL A 152 15.28 -6.66 -0.19
C VAL A 152 16.27 -5.60 0.24
N THR A 153 15.82 -4.61 1.00
CA THR A 153 16.69 -3.53 1.47
C THR A 153 17.13 -3.84 2.91
N GLY A 154 18.13 -3.12 3.41
CA GLY A 154 18.73 -3.49 4.68
C GLY A 154 19.02 -4.98 4.74
N ALA A 155 19.52 -5.52 3.63
CA ALA A 155 19.52 -6.96 3.39
C ALA A 155 20.36 -7.82 4.33
N SER A 156 21.45 -7.25 4.88
CA SER A 156 22.35 -8.04 5.71
C SER A 156 21.87 -8.12 7.17
N GLY A 157 20.79 -7.41 7.49
CA GLY A 157 20.27 -7.39 8.85
C GLY A 157 19.42 -8.62 9.18
N GLY A 158 18.74 -8.58 10.33
CA GLY A 158 17.92 -9.71 10.75
C GLY A 158 16.73 -10.04 9.87
N VAL A 159 15.88 -9.05 9.63
CA VAL A 159 14.73 -9.26 8.76
C VAL A 159 15.22 -9.54 7.33
N GLY A 160 16.18 -8.74 6.88
CA GLY A 160 16.70 -8.87 5.52
C GLY A 160 17.32 -10.22 5.24
N SER A 161 18.12 -10.74 6.16
CA SER A 161 18.75 -12.04 5.96
C SER A 161 17.70 -13.13 5.80
N THR A 162 16.71 -13.11 6.69
CA THR A 162 15.66 -14.12 6.65
C THR A 162 14.88 -14.00 5.34
N ALA A 163 14.57 -12.77 4.96
CA ALA A 163 13.82 -12.50 3.72
C ALA A 163 14.53 -13.06 2.50
N VAL A 164 15.84 -12.83 2.42
CA VAL A 164 16.64 -13.29 1.28
C VAL A 164 16.57 -14.82 1.23
N ALA A 165 16.75 -15.45 2.38
CA ALA A 165 16.77 -16.91 2.48
C ALA A 165 15.42 -17.53 2.11
N LEU A 166 14.34 -16.91 2.58
CA LEU A 166 12.98 -17.36 2.25
C LEU A 166 12.68 -17.23 0.76
N LEU A 167 12.89 -16.02 0.23
CA LEU A 167 12.62 -15.77 -1.19
C LEU A 167 13.45 -16.71 -2.06
N HIS A 168 14.71 -16.92 -1.66
CA HIS A 168 15.57 -17.83 -2.41
C HIS A 168 14.98 -19.25 -2.42
N LYS A 169 14.58 -19.73 -1.25
CA LYS A 169 14.00 -21.08 -1.15
C LYS A 169 12.74 -21.19 -1.99
N LEU A 170 11.93 -20.14 -1.98
CA LEU A 170 10.66 -20.13 -2.67
C LEU A 170 10.80 -19.97 -4.19
N GLY A 171 12.03 -19.80 -4.66
CA GLY A 171 12.28 -19.76 -6.09
C GLY A 171 12.38 -18.38 -6.74
N TYR A 172 12.40 -17.32 -5.94
CA TYR A 172 12.50 -15.97 -6.52
C TYR A 172 13.93 -15.59 -6.95
N GLN A 173 14.04 -14.68 -7.90
CA GLN A 173 15.30 -14.04 -8.19
C GLN A 173 15.30 -12.88 -7.20
N VAL A 174 16.36 -12.76 -6.41
CA VAL A 174 16.45 -11.78 -5.32
C VAL A 174 17.58 -10.78 -5.56
N ALA A 175 17.27 -9.50 -5.42
CA ALA A 175 18.29 -8.45 -5.40
C ALA A 175 18.41 -7.96 -3.95
N ALA A 176 19.62 -7.88 -3.43
CA ALA A 176 19.82 -7.41 -2.06
C ALA A 176 20.50 -6.04 -2.10
N VAL A 177 20.01 -5.09 -1.31
CA VAL A 177 20.63 -3.77 -1.26
C VAL A 177 21.32 -3.62 0.09
N SER A 178 22.61 -3.29 0.07
CA SER A 178 23.37 -3.11 1.32
C SER A 178 24.27 -1.89 1.20
N GLY A 179 24.47 -1.17 2.31
CA GLY A 179 25.39 -0.06 2.30
C GLY A 179 26.79 -0.47 2.75
N ARG A 180 27.02 -1.79 2.88
CA ARG A 180 28.33 -2.27 3.32
C ARG A 180 28.90 -3.33 2.40
N GLU A 181 30.03 -3.02 1.76
CA GLU A 181 30.68 -3.98 0.88
C GLU A 181 31.08 -5.28 1.61
N SER A 182 31.27 -5.20 2.91
CA SER A 182 31.76 -6.36 3.66
C SER A 182 30.71 -7.47 3.79
N THR A 183 29.45 -7.15 3.52
CA THR A 183 28.37 -8.12 3.66
C THR A 183 28.09 -8.90 2.38
N HIS A 184 28.78 -8.56 1.29
CA HIS A 184 28.39 -9.13 0.00
C HIS A 184 28.50 -10.66 -0.09
N GLY A 185 29.59 -11.21 0.43
CA GLY A 185 29.77 -12.66 0.40
C GLY A 185 28.70 -13.36 1.23
N TYR A 186 28.37 -12.76 2.37
CA TYR A 186 27.36 -13.31 3.25
C TYR A 186 26.01 -13.31 2.54
N LEU A 187 25.69 -12.21 1.85
CA LEU A 187 24.40 -12.10 1.15
C LEU A 187 24.30 -13.11 0.00
N LYS A 188 25.41 -13.28 -0.73
CA LYS A 188 25.46 -14.29 -1.78
C LYS A 188 25.20 -15.69 -1.20
N SER A 189 25.77 -15.97 -0.02
CA SER A 189 25.61 -17.29 0.57
C SER A 189 24.17 -17.55 1.04
N LEU A 190 23.46 -16.49 1.39
CA LEU A 190 22.04 -16.59 1.76
C LEU A 190 21.14 -16.84 0.56
N GLY A 191 21.65 -16.54 -0.63
CA GLY A 191 20.93 -16.79 -1.87
C GLY A 191 20.65 -15.57 -2.73
N ALA A 192 21.19 -14.41 -2.35
CA ALA A 192 20.98 -13.20 -3.17
C ALA A 192 21.60 -13.39 -4.54
N ASN A 193 20.84 -13.07 -5.59
CA ASN A 193 21.31 -13.25 -6.95
C ASN A 193 22.02 -12.00 -7.48
N ARG A 194 21.69 -10.86 -6.90
CA ARG A 194 22.22 -9.58 -7.33
C ARG A 194 22.42 -8.78 -6.07
N ILE A 195 23.54 -8.06 -5.97
CA ILE A 195 23.75 -7.16 -4.84
C ILE A 195 23.92 -5.74 -5.37
N LEU A 196 23.19 -4.78 -4.79
CA LEU A 196 23.27 -3.37 -5.17
C LEU A 196 23.69 -2.51 -3.98
N SER A 197 24.37 -1.40 -4.24
CA SER A 197 24.80 -0.51 -3.17
C SER A 197 23.69 0.44 -2.78
N ARG A 198 23.55 0.66 -1.48
CA ARG A 198 22.65 1.66 -0.93
C ARG A 198 22.91 3.03 -1.55
N ASP A 199 24.15 3.27 -1.96
CA ASP A 199 24.54 4.55 -2.58
C ASP A 199 23.68 4.89 -3.78
N GLU A 200 23.08 3.87 -4.39
CA GLU A 200 22.28 4.05 -5.59
C GLU A 200 20.82 4.39 -5.27
N PHE A 201 20.53 4.60 -3.99
CA PHE A 201 19.16 4.87 -3.52
C PHE A 201 19.06 6.18 -2.74
N ALA A 202 19.74 7.21 -3.26
CA ALA A 202 19.92 8.48 -2.55
C ALA A 202 19.06 9.61 -3.12
N GLU A 203 19.03 9.74 -4.45
CA GLU A 203 18.12 10.66 -5.12
C GLU A 203 17.22 9.88 -6.08
N SER A 204 16.03 10.40 -6.35
CA SER A 204 15.12 9.73 -7.28
C SER A 204 14.08 10.69 -7.86
N ARG A 205 13.59 10.34 -9.05
CA ARG A 205 12.46 11.02 -9.66
C ARG A 205 11.17 10.36 -9.14
N PRO A 206 10.01 10.99 -9.38
CA PRO A 206 8.76 10.39 -8.91
C PRO A 206 8.57 9.01 -9.51
N LEU A 207 8.96 8.85 -10.77
CA LEU A 207 8.95 7.56 -11.45
C LEU A 207 10.33 7.29 -12.05
N GLU A 208 10.87 6.10 -11.77
CA GLU A 208 12.13 5.64 -12.33
C GLU A 208 11.83 4.46 -13.26
N LYS A 209 12.86 3.87 -13.85
CA LYS A 209 12.62 2.69 -14.68
C LYS A 209 12.06 1.57 -13.81
N GLN A 210 11.15 0.79 -14.38
CA GLN A 210 10.51 -0.30 -13.66
C GLN A 210 11.47 -1.46 -13.53
N LEU A 211 11.80 -1.81 -12.28
CA LEU A 211 12.77 -2.88 -11.99
C LEU A 211 12.21 -4.08 -11.23
N TRP A 212 11.31 -3.85 -10.26
CA TRP A 212 10.98 -4.86 -9.27
C TRP A 212 9.51 -5.32 -9.31
N ALA A 213 9.29 -6.63 -9.25
CA ALA A 213 7.92 -7.16 -9.11
C ALA A 213 7.45 -7.01 -7.65
N GLY A 214 8.38 -7.16 -6.72
CA GLY A 214 8.07 -7.06 -5.30
C GLY A 214 9.25 -6.48 -4.54
N ALA A 215 8.99 -6.09 -3.30
CA ALA A 215 10.06 -5.59 -2.46
C ALA A 215 9.75 -5.79 -1.00
N ILE A 216 10.80 -6.03 -0.22
CA ILE A 216 10.66 -6.13 1.22
C ILE A 216 11.58 -5.04 1.75
N ASP A 217 11.01 -4.03 2.38
CA ASP A 217 11.78 -2.87 2.83
C ASP A 217 11.89 -2.78 4.34
N THR A 218 13.13 -2.66 4.82
CA THR A 218 13.43 -2.54 6.23
C THR A 218 14.07 -1.19 6.57
N VAL A 219 14.28 -0.37 5.55
CA VAL A 219 15.00 0.89 5.70
C VAL A 219 14.16 2.16 5.77
N GLY A 220 13.10 2.21 4.98
CA GLY A 220 12.26 3.38 4.94
C GLY A 220 12.98 4.55 4.30
N ASP A 221 12.47 5.74 4.57
CA ASP A 221 13.07 6.98 4.10
C ASP A 221 13.27 7.04 2.59
N LYS A 222 14.43 7.54 2.19
CA LYS A 222 14.79 7.68 0.79
C LYS A 222 14.92 6.37 0.04
N VAL A 223 15.45 5.36 0.69
CA VAL A 223 15.61 4.08 0.03
C VAL A 223 14.24 3.54 -0.35
N LEU A 224 13.29 3.60 0.57
CA LEU A 224 11.94 3.16 0.31
C LEU A 224 11.32 4.00 -0.78
N ALA A 225 11.55 5.31 -0.73
CA ALA A 225 10.99 6.21 -1.72
C ALA A 225 11.46 5.84 -3.12
N LYS A 226 12.74 5.50 -3.26
CA LYS A 226 13.27 5.17 -4.58
C LYS A 226 12.82 3.79 -5.03
N VAL A 227 12.79 2.84 -4.10
CA VAL A 227 12.21 1.52 -4.40
C VAL A 227 10.77 1.67 -4.93
N LEU A 228 9.97 2.50 -4.28
CA LEU A 228 8.62 2.76 -4.80
C LEU A 228 8.64 3.28 -6.23
N ALA A 229 9.58 4.18 -6.54
CA ALA A 229 9.68 4.76 -7.88
C ALA A 229 10.14 3.75 -8.95
N GLN A 230 10.70 2.64 -8.49
CA GLN A 230 11.24 1.59 -9.35
C GLN A 230 10.35 0.35 -9.49
N MSE A 231 9.16 0.38 -8.89
CA MSE A 231 8.28 -0.80 -8.93
C MSE A 231 7.68 -1.03 -10.31
O MSE A 231 7.25 -0.08 -10.99
CB MSE A 231 7.15 -0.69 -7.89
CG MSE A 231 7.64 -0.54 -6.46
SE MSE A 231 8.87 -1.98 -5.89
CE MSE A 231 7.77 -3.55 -6.29
N ASN A 232 7.60 -2.29 -10.72
CA ASN A 232 6.85 -2.66 -11.91
C ASN A 232 5.39 -2.24 -11.73
N TYR A 233 4.70 -1.99 -12.84
CA TYR A 233 3.25 -1.82 -12.78
C TYR A 233 2.58 -2.99 -12.02
N GLY A 234 1.74 -2.68 -11.03
CA GLY A 234 1.09 -3.70 -10.22
C GLY A 234 1.98 -4.36 -9.17
N GLY A 235 3.19 -3.83 -9.00
CA GLY A 235 4.12 -4.38 -8.01
C GLY A 235 3.68 -4.14 -6.58
N CYS A 236 4.27 -4.87 -5.64
CA CYS A 236 3.95 -4.70 -4.22
C CYS A 236 5.20 -4.53 -3.36
N VAL A 237 5.19 -3.52 -2.50
CA VAL A 237 6.23 -3.37 -1.51
C VAL A 237 5.69 -3.72 -0.13
N ALA A 238 6.32 -4.68 0.54
CA ALA A 238 6.03 -4.96 1.95
C ALA A 238 7.02 -4.17 2.79
N ALA A 239 6.52 -3.23 3.59
CA ALA A 239 7.37 -2.33 4.35
C ALA A 239 7.24 -2.63 5.84
N CYS A 240 8.36 -2.82 6.52
CA CYS A 240 8.31 -3.16 7.94
C CYS A 240 9.30 -2.35 8.79
N GLY A 241 10.12 -1.51 8.17
CA GLY A 241 11.22 -0.91 8.91
C GLY A 241 11.44 0.59 8.81
N LEU A 242 12.45 1.06 9.54
CA LEU A 242 12.80 2.47 9.56
C LEU A 242 14.30 2.65 9.85
N ALA A 243 15.10 1.63 9.53
CA ALA A 243 16.52 1.69 9.83
C ALA A 243 17.17 2.94 9.23
N GLY A 244 16.65 3.41 8.10
CA GLY A 244 17.19 4.59 7.45
C GLY A 244 16.50 5.89 7.81
N GLY A 245 15.43 5.81 8.60
CA GLY A 245 14.61 6.97 8.93
C GLY A 245 13.14 6.66 8.78
N PHE A 246 12.31 7.28 9.63
CA PHE A 246 10.87 6.98 9.63
C PHE A 246 10.09 7.81 8.60
N ALA A 247 10.69 8.87 8.08
CA ALA A 247 10.00 9.68 7.08
C ALA A 247 9.80 8.88 5.80
N LEU A 248 8.80 9.28 5.02
CA LEU A 248 8.54 8.66 3.73
C LEU A 248 8.31 9.75 2.69
N PRO A 249 9.40 10.30 2.17
CA PRO A 249 9.32 11.39 1.19
C PRO A 249 9.10 10.87 -0.21
N THR A 250 7.85 10.55 -0.50
CA THR A 250 7.46 9.98 -1.79
C THR A 250 6.39 10.80 -2.48
N THR A 251 5.89 10.29 -3.59
CA THR A 251 4.84 10.93 -4.36
C THR A 251 3.77 9.89 -4.64
N VAL A 252 2.58 10.35 -5.02
CA VAL A 252 1.48 9.47 -5.33
C VAL A 252 1.67 8.79 -6.68
N MSE A 253 2.66 9.22 -7.46
CA MSE A 253 2.81 8.73 -8.83
C MSE A 253 2.93 7.19 -9.00
O MSE A 253 2.28 6.64 -9.89
CB MSE A 253 3.93 9.46 -9.58
CG MSE A 253 3.78 10.97 -9.58
SE MSE A 253 2.06 11.51 -10.35
CE MSE A 253 2.68 12.07 -12.12
N PRO A 254 3.76 6.52 -8.20
CA PRO A 254 3.81 5.07 -8.40
C PRO A 254 2.46 4.43 -8.11
N PHE A 255 1.72 5.02 -7.20
CA PHE A 255 0.42 4.47 -6.81
C PHE A 255 -0.63 4.70 -7.88
N ILE A 256 -0.74 5.93 -8.37
CA ILE A 256 -1.84 6.26 -9.25
C ILE A 256 -1.54 6.06 -10.73
N LEU A 257 -0.27 5.92 -11.06
CA LEU A 257 0.14 5.69 -12.46
C LEU A 257 0.58 4.25 -12.67
N ARG A 258 1.00 3.59 -11.59
CA ARG A 258 1.50 2.23 -11.75
C ARG A 258 0.80 1.20 -10.87
N ASN A 259 -0.26 1.62 -10.19
CA ASN A 259 -1.09 0.68 -9.42
C ASN A 259 -0.26 -0.10 -8.38
N VAL A 260 0.72 0.56 -7.80
CA VAL A 260 1.56 -0.07 -6.79
C VAL A 260 0.84 -0.24 -5.44
N ARG A 261 1.07 -1.38 -4.77
CA ARG A 261 0.59 -1.58 -3.42
C ARG A 261 1.73 -1.38 -2.44
N LEU A 262 1.50 -0.57 -1.41
CA LEU A 262 2.43 -0.51 -0.28
C LEU A 262 1.73 -1.13 0.92
N GLN A 263 2.13 -2.35 1.28
CA GLN A 263 1.55 -3.04 2.41
C GLN A 263 2.42 -2.90 3.65
N GLY A 264 1.91 -2.21 4.66
CA GLY A 264 2.62 -2.12 5.92
C GLY A 264 2.54 -3.45 6.64
N VAL A 265 3.60 -3.82 7.35
CA VAL A 265 3.63 -5.07 8.09
C VAL A 265 4.00 -4.81 9.54
N ASP A 266 3.08 -5.12 10.45
CA ASP A 266 3.35 -5.04 11.89
C ASP A 266 3.45 -6.44 12.47
N SER A 267 4.48 -6.70 13.25
CA SER A 267 4.65 -8.02 13.86
C SER A 267 4.09 -8.05 15.29
N VAL A 268 3.92 -6.89 15.88
CA VAL A 268 3.62 -6.81 17.30
C VAL A 268 2.28 -7.42 17.66
N MSE A 269 1.26 -7.05 16.89
CA MSE A 269 -0.12 -7.38 17.22
CA MSE A 269 -0.12 -7.40 17.22
C MSE A 269 -0.76 -8.36 16.22
O MSE A 269 -1.97 -8.45 16.12
CB MSE A 269 -0.96 -6.11 17.28
CB MSE A 269 -0.97 -6.14 17.33
CG MSE A 269 -0.39 -5.04 18.20
CG MSE A 269 -1.72 -6.00 18.64
SE MSE A 269 -1.75 -3.69 18.64
SE MSE A 269 -0.51 -5.62 20.12
CE MSE A 269 -3.16 -4.89 19.29
CE MSE A 269 0.05 -3.83 19.61
N THR A 270 0.07 -9.08 15.47
CA THR A 270 -0.41 -10.04 14.50
C THR A 270 -1.41 -11.01 15.13
N PRO A 271 -2.65 -11.09 14.59
CA PRO A 271 -3.66 -11.96 15.20
C PRO A 271 -3.27 -13.45 15.14
N PRO A 272 -3.86 -14.26 16.02
CA PRO A 272 -3.38 -15.63 16.26
C PRO A 272 -3.36 -16.52 15.01
N ALA A 273 -4.37 -16.42 14.16
CA ALA A 273 -4.43 -17.27 12.97
C ALA A 273 -3.28 -16.98 12.01
N ARG A 274 -3.05 -15.71 11.71
CA ARG A 274 -1.97 -15.37 10.79
C ARG A 274 -0.61 -15.65 11.43
N ARG A 275 -0.52 -15.38 12.72
CA ARG A 275 0.72 -15.59 13.46
C ARG A 275 1.10 -17.08 13.43
N ALA A 276 0.12 -17.95 13.68
CA ALA A 276 0.34 -19.39 13.63
C ALA A 276 0.74 -19.84 12.23
N GLU A 277 0.10 -19.28 11.21
CA GLU A 277 0.44 -19.60 9.83
CA GLU A 277 0.46 -19.64 9.83
C GLU A 277 1.90 -19.25 9.52
N ALA A 278 2.33 -18.08 10.00
CA ALA A 278 3.69 -17.63 9.71
C ALA A 278 4.70 -18.62 10.29
N TRP A 279 4.49 -19.02 11.54
CA TRP A 279 5.42 -19.97 12.18
C TRP A 279 5.46 -21.30 11.42
N ALA A 280 4.29 -21.81 11.07
CA ALA A 280 4.23 -23.04 10.27
C ALA A 280 5.00 -22.88 8.94
N ARG A 281 4.87 -21.71 8.29
CA ARG A 281 5.57 -21.48 7.01
C ARG A 281 7.08 -21.40 7.20
N LEU A 282 7.51 -20.74 8.27
CA LEU A 282 8.93 -20.65 8.60
C LEU A 282 9.56 -22.05 8.76
N VAL A 283 8.89 -22.92 9.51
CA VAL A 283 9.43 -24.25 9.70
C VAL A 283 9.61 -24.92 8.34
N LYS A 284 8.68 -24.68 7.44
CA LYS A 284 8.71 -25.30 6.12
C LYS A 284 9.72 -24.63 5.18
N ASP A 285 9.83 -23.31 5.23
CA ASP A 285 10.51 -22.57 4.18
C ASP A 285 11.95 -22.12 4.44
N LEU A 286 12.38 -22.13 5.70
CA LEU A 286 13.80 -21.83 5.99
C LEU A 286 14.65 -23.09 5.92
N PRO A 287 15.69 -23.07 5.08
CA PRO A 287 16.63 -24.21 5.02
C PRO A 287 17.44 -24.33 6.31
N GLU A 288 17.84 -25.56 6.65
CA GLU A 288 18.67 -25.80 7.83
C GLU A 288 19.93 -24.94 7.81
N SER A 289 20.48 -24.75 6.61
CA SER A 289 21.70 -23.97 6.46
C SER A 289 21.55 -22.54 6.99
N PHE A 290 20.33 -22.01 6.97
CA PHE A 290 20.11 -20.63 7.36
C PHE A 290 20.48 -20.37 8.81
N TYR A 291 20.05 -21.27 9.68
CA TYR A 291 20.24 -21.12 11.12
C TYR A 291 21.75 -21.06 11.47
N ALA A 292 22.53 -21.89 10.81
CA ALA A 292 23.99 -21.84 10.96
C ALA A 292 24.63 -20.55 10.39
N GLN A 293 24.21 -20.14 9.20
CA GLN A 293 24.82 -18.96 8.56
C GLN A 293 24.50 -17.63 9.24
N ALA A 294 23.28 -17.48 9.71
CA ALA A 294 22.78 -16.18 10.15
C ALA A 294 23.03 -15.87 11.63
N ALA A 295 23.15 -16.90 12.44
CA ALA A 295 23.15 -16.70 13.88
C ALA A 295 24.53 -16.40 14.47
N THR A 296 24.55 -15.46 15.41
CA THR A 296 25.68 -15.31 16.32
C THR A 296 25.15 -15.46 17.73
N GLU A 297 25.67 -16.46 18.46
CA GLU A 297 25.19 -16.74 19.81
C GLU A 297 25.99 -15.99 20.86
N ILE A 298 25.31 -15.25 21.73
CA ILE A 298 25.97 -14.51 22.79
C ILE A 298 25.33 -14.86 24.10
N THR A 299 25.93 -14.38 25.20
CA THR A 299 25.32 -14.56 26.51
C THR A 299 24.59 -13.29 26.91
N LEU A 300 23.83 -13.36 27.99
CA LEU A 300 23.02 -12.23 28.43
C LEU A 300 23.92 -11.03 28.73
N ALA A 301 25.07 -11.30 29.34
CA ALA A 301 25.98 -10.22 29.71
C ALA A 301 26.50 -9.43 28.51
N ASP A 302 26.51 -10.07 27.35
CA ASP A 302 26.98 -9.43 26.12
C ASP A 302 25.92 -8.55 25.46
N ALA A 303 24.68 -8.63 25.94
CA ALA A 303 23.57 -7.94 25.27
C ALA A 303 23.80 -6.45 25.05
N PRO A 304 24.27 -5.73 26.08
CA PRO A 304 24.47 -4.28 25.92
C PRO A 304 25.50 -3.95 24.84
N LYS A 305 26.60 -4.70 24.80
CA LYS A 305 27.64 -4.51 23.79
C LYS A 305 27.09 -4.78 22.40
N PHE A 306 26.28 -5.82 22.27
CA PHE A 306 25.73 -6.16 20.96
C PHE A 306 24.65 -5.19 20.52
N ALA A 307 23.89 -4.64 21.47
CA ALA A 307 22.90 -3.60 21.15
C ALA A 307 23.59 -2.39 20.53
N ASP A 308 24.76 -2.03 21.06
CA ASP A 308 25.53 -0.93 20.48
C ASP A 308 25.93 -1.24 19.05
N ALA A 309 26.49 -2.43 18.85
CA ALA A 309 26.90 -2.85 17.51
C ALA A 309 25.72 -2.79 16.52
N ILE A 310 24.56 -3.28 16.94
CA ILE A 310 23.39 -3.24 16.08
C ILE A 310 23.05 -1.82 15.66
N ILE A 311 23.00 -0.91 16.63
CA ILE A 311 22.64 0.47 16.33
C ILE A 311 23.70 1.13 15.43
N ASN A 312 24.93 0.69 15.57
CA ASN A 312 26.04 1.21 14.76
C ASN A 312 26.20 0.51 13.42
N ASN A 313 25.28 -0.41 13.13
CA ASN A 313 25.33 -1.16 11.89
C ASN A 313 26.67 -1.87 11.75
N GLN A 314 27.08 -2.56 12.82
CA GLN A 314 28.32 -3.32 12.81
C GLN A 314 28.12 -4.83 12.99
N VAL A 315 26.90 -5.30 12.79
CA VAL A 315 26.65 -6.73 12.82
C VAL A 315 25.92 -7.18 11.56
N GLN A 316 25.98 -8.46 11.25
CA GLN A 316 25.15 -9.00 10.19
C GLN A 316 24.40 -10.24 10.67
N GLY A 317 23.23 -10.51 10.09
CA GLY A 317 22.47 -11.67 10.49
C GLY A 317 21.68 -11.46 11.77
N ARG A 318 21.54 -12.53 12.55
CA ARG A 318 20.67 -12.52 13.72
C ARG A 318 21.48 -12.73 15.02
N THR A 319 21.14 -11.98 16.06
CA THR A 319 21.83 -12.12 17.33
C THR A 319 20.98 -12.97 18.28
N LEU A 320 21.51 -14.14 18.62
CA LEU A 320 20.84 -15.11 19.46
C LEU A 320 21.39 -15.05 20.88
N VAL A 321 20.51 -15.00 21.86
CA VAL A 321 20.94 -14.88 23.24
C VAL A 321 20.66 -16.16 24.03
N LYS A 322 21.73 -16.82 24.49
CA LYS A 322 21.57 -18.01 25.29
C LYS A 322 21.31 -17.58 26.73
N ILE A 323 20.15 -17.95 27.25
CA ILE A 323 19.75 -17.53 28.58
C ILE A 323 19.97 -18.67 29.56
N LYS A 324 19.61 -19.88 29.15
CA LYS A 324 19.84 -21.09 29.94
C LYS A 324 21.29 -21.18 30.40
N MSE B 1 -16.17 14.57 -40.90
CA MSE B 1 -16.48 14.38 -39.50
C MSE B 1 -16.12 15.62 -38.69
O MSE B 1 -15.23 16.37 -39.07
CB MSE B 1 -15.72 13.17 -38.93
CG MSE B 1 -14.32 13.52 -38.43
SE MSE B 1 -13.41 12.04 -37.50
CE MSE B 1 -12.46 13.07 -36.14
N GLN B 2 -16.82 15.83 -37.58
CA GLN B 2 -16.51 16.93 -36.68
C GLN B 2 -15.76 16.42 -35.44
N ALA B 3 -14.97 17.29 -34.84
CA ALA B 3 -14.17 16.92 -33.69
C ALA B 3 -13.69 18.14 -32.92
N LEU B 4 -13.56 18.02 -31.61
CA LEU B 4 -12.88 19.05 -30.84
C LEU B 4 -11.39 18.87 -31.07
N ILE B 5 -10.72 19.92 -31.52
CA ILE B 5 -9.32 19.80 -31.89
C ILE B 5 -8.45 20.77 -31.11
N LEU B 6 -7.41 20.23 -30.47
CA LEU B 6 -6.44 21.05 -29.78
C LEU B 6 -5.27 21.35 -30.71
N GLU B 7 -5.06 22.62 -31.00
CA GLU B 7 -3.88 23.06 -31.74
C GLU B 7 -3.11 24.06 -30.89
N GLN B 8 -1.84 24.25 -31.20
CA GLN B 8 -1.01 25.14 -30.41
C GLN B 8 -0.53 26.35 -31.20
N GLN B 9 -1.12 27.50 -30.91
CA GLN B 9 -0.69 28.77 -31.51
C GLN B 9 0.15 29.52 -30.49
N ASP B 10 1.44 29.65 -30.76
CA ASP B 10 2.36 30.34 -29.85
C ASP B 10 2.48 29.62 -28.50
N GLY B 11 2.42 28.30 -28.54
CA GLY B 11 2.65 27.51 -27.34
C GLY B 11 1.45 27.38 -26.41
N LYS B 12 0.42 28.17 -26.65
CA LYS B 12 -0.79 28.08 -25.84
C LYS B 12 -1.90 27.34 -26.57
N THR B 13 -2.58 26.45 -25.86
CA THR B 13 -3.54 25.55 -26.47
C THR B 13 -4.85 26.24 -26.87
N LEU B 14 -5.22 26.08 -28.14
CA LEU B 14 -6.51 26.55 -28.62
C LEU B 14 -7.44 25.38 -28.92
N ALA B 15 -8.66 25.44 -28.39
CA ALA B 15 -9.63 24.37 -28.58
C ALA B 15 -10.82 24.87 -29.39
N SER B 16 -11.17 24.13 -30.44
CA SER B 16 -12.31 24.48 -31.27
C SER B 16 -12.80 23.29 -32.07
N VAL B 17 -14.11 23.26 -32.33
CA VAL B 17 -14.71 22.19 -33.11
C VAL B 17 -14.45 22.43 -34.60
N GLN B 18 -13.92 21.40 -35.27
CA GLN B 18 -13.57 21.55 -36.68
C GLN B 18 -14.00 20.32 -37.46
N HIS B 19 -14.14 20.50 -38.77
CA HIS B 19 -14.38 19.37 -39.66
C HIS B 19 -13.06 18.76 -40.09
N LEU B 20 -13.03 17.44 -40.21
CA LEU B 20 -11.86 16.75 -40.72
C LEU B 20 -12.25 15.40 -41.32
N GLU B 21 -11.37 14.86 -42.15
CA GLU B 21 -11.66 13.62 -42.86
C GLU B 21 -11.22 12.38 -42.06
N GLU B 22 -12.01 11.31 -42.16
CA GLU B 22 -11.72 10.06 -41.47
C GLU B 22 -10.31 9.56 -41.76
N SER B 23 -9.76 9.98 -42.89
CA SER B 23 -8.44 9.53 -43.32
C SER B 23 -7.34 10.01 -42.38
N GLN B 24 -7.62 11.05 -41.61
CA GLN B 24 -6.64 11.62 -40.70
C GLN B 24 -6.54 10.82 -39.39
N LEU B 25 -7.56 10.02 -39.11
CA LEU B 25 -7.58 9.25 -37.87
C LEU B 25 -6.34 8.36 -37.73
N PRO B 26 -5.86 8.17 -36.49
CA PRO B 26 -4.71 7.30 -36.26
C PRO B 26 -5.07 5.86 -36.62
N ALA B 27 -4.06 5.00 -36.80
CA ALA B 27 -4.29 3.60 -37.13
C ALA B 27 -4.90 2.85 -35.96
N GLY B 28 -5.70 1.83 -36.28
CA GLY B 28 -6.28 0.94 -35.28
C GLY B 28 -7.21 -0.04 -35.96
N ASP B 29 -7.38 -1.23 -35.39
CA ASP B 29 -8.20 -2.24 -36.05
C ASP B 29 -9.71 -2.15 -35.76
N VAL B 30 -10.12 -1.18 -34.95
CA VAL B 30 -11.56 -0.96 -34.75
C VAL B 30 -11.90 0.50 -34.88
N THR B 31 -12.90 0.79 -35.70
CA THR B 31 -13.38 2.14 -35.86
C THR B 31 -14.74 2.28 -35.17
N VAL B 32 -14.92 3.35 -34.41
CA VAL B 32 -16.13 3.53 -33.62
C VAL B 32 -16.86 4.84 -33.92
N ASP B 33 -18.16 4.73 -34.19
CA ASP B 33 -19.03 5.90 -34.28
C ASP B 33 -19.41 6.33 -32.87
N VAL B 34 -18.87 7.45 -32.43
CA VAL B 34 -18.99 7.87 -31.04
C VAL B 34 -20.33 8.57 -30.80
N HIS B 35 -21.05 8.19 -29.73
CA HIS B 35 -22.32 8.82 -29.42
C HIS B 35 -22.23 9.69 -28.17
N TRP B 36 -21.34 9.30 -27.25
CA TRP B 36 -21.17 10.01 -25.99
C TRP B 36 -19.71 10.04 -25.59
N SER B 37 -19.29 11.12 -24.95
CA SER B 37 -17.99 11.15 -24.30
C SER B 37 -18.21 11.79 -22.93
N SER B 38 -17.13 12.18 -22.25
CA SER B 38 -17.28 12.90 -21.00
C SER B 38 -16.09 13.81 -20.81
N LEU B 39 -16.14 14.66 -19.78
CA LEU B 39 -14.96 15.42 -19.43
C LEU B 39 -14.48 14.97 -18.07
N ASN B 40 -13.26 14.46 -18.04
CA ASN B 40 -12.61 14.11 -16.80
C ASN B 40 -11.65 15.21 -16.42
N TYR B 41 -11.15 15.15 -15.19
CA TYR B 41 -10.21 16.16 -14.74
C TYR B 41 -9.04 16.23 -15.71
N LYS B 42 -8.61 15.07 -16.19
CA LYS B 42 -7.47 15.02 -17.12
C LYS B 42 -7.81 15.61 -18.48
N ASP B 43 -9.05 15.42 -18.92
CA ASP B 43 -9.51 16.04 -20.17
C ASP B 43 -9.48 17.55 -20.03
N ALA B 44 -9.90 18.04 -18.87
CA ALA B 44 -9.97 19.48 -18.62
C ALA B 44 -8.57 20.09 -18.70
N LEU B 45 -7.60 19.41 -18.11
CA LEU B 45 -6.22 19.88 -18.21
C LEU B 45 -5.77 19.89 -19.66
N ALA B 46 -6.03 18.80 -20.37
CA ALA B 46 -5.67 18.71 -21.78
C ALA B 46 -6.25 19.88 -22.57
N ILE B 47 -7.51 20.19 -22.31
CA ILE B 47 -8.24 21.20 -23.07
C ILE B 47 -7.78 22.61 -22.69
N THR B 48 -7.48 22.82 -21.41
CA THR B 48 -7.02 24.11 -20.93
C THR B 48 -5.54 24.31 -21.24
N GLY B 49 -4.91 23.30 -21.81
CA GLY B 49 -3.50 23.38 -22.16
C GLY B 49 -2.62 23.30 -20.94
N LYS B 50 -3.22 23.03 -19.79
CA LYS B 50 -2.47 22.89 -18.54
C LYS B 50 -2.05 21.43 -18.31
N GLY B 51 -1.07 21.22 -17.43
CA GLY B 51 -0.76 19.88 -16.96
C GLY B 51 0.19 19.02 -17.78
N LYS B 52 0.55 19.44 -18.99
CA LYS B 52 1.44 18.67 -19.84
C LYS B 52 0.87 17.28 -20.15
N ILE B 53 -0.45 17.21 -20.28
CA ILE B 53 -1.10 15.96 -20.60
C ILE B 53 -0.89 15.60 -22.07
N ILE B 54 -0.90 16.62 -22.92
CA ILE B 54 -0.76 16.44 -24.35
C ILE B 54 0.65 16.80 -24.81
N ARG B 55 1.35 15.81 -25.36
CA ARG B 55 2.69 16.01 -25.92
C ARG B 55 2.78 16.00 -27.45
N HIS B 56 1.64 15.90 -28.13
CA HIS B 56 1.60 16.02 -29.58
C HIS B 56 0.36 16.79 -30.01
N PHE B 57 0.54 17.77 -30.90
CA PHE B 57 -0.58 18.55 -31.41
C PHE B 57 -0.51 18.47 -32.93
N PRO B 58 -1.62 18.66 -33.63
CA PRO B 58 -2.94 18.86 -33.02
C PRO B 58 -3.45 17.55 -32.44
N MSE B 59 -4.22 17.63 -31.37
CA MSE B 59 -4.74 16.44 -30.71
C MSE B 59 -6.24 16.48 -30.47
O MSE B 59 -6.78 17.49 -30.05
CB MSE B 59 -4.01 16.26 -29.37
CG MSE B 59 -4.55 15.20 -28.43
SE MSE B 59 -4.39 13.43 -29.12
CE MSE B 59 -2.56 13.44 -29.74
N ILE B 60 -6.92 15.36 -30.75
CA ILE B 60 -8.32 15.24 -30.37
C ILE B 60 -8.33 14.69 -28.95
N PRO B 61 -8.82 15.49 -27.99
CA PRO B 61 -8.79 15.08 -26.59
C PRO B 61 -9.94 14.12 -26.29
N GLY B 62 -10.07 13.72 -25.02
CA GLY B 62 -11.13 12.83 -24.59
C GLY B 62 -10.58 11.45 -24.32
N ILE B 63 -10.39 11.12 -23.04
CA ILE B 63 -9.85 9.82 -22.67
C ILE B 63 -10.94 8.76 -22.64
N ASP B 64 -12.19 9.18 -22.84
CA ASP B 64 -13.37 8.30 -22.80
C ASP B 64 -14.23 8.40 -24.07
N PHE B 65 -14.90 7.31 -24.42
CA PHE B 65 -16.06 7.42 -25.33
C PHE B 65 -16.91 6.16 -25.28
N ALA B 66 -18.17 6.31 -25.69
CA ALA B 66 -19.02 5.15 -25.90
C ALA B 66 -19.71 5.33 -27.23
N GLY B 67 -19.85 4.25 -27.97
CA GLY B 67 -20.54 4.31 -29.23
C GLY B 67 -20.74 2.95 -29.84
N THR B 68 -20.90 2.92 -31.15
CA THR B 68 -21.12 1.66 -31.85
C THR B 68 -20.03 1.44 -32.87
N VAL B 69 -19.60 0.19 -32.98
CA VAL B 69 -18.53 -0.19 -33.88
C VAL B 69 -18.96 0.06 -35.31
N HIS B 70 -18.14 0.80 -36.04
CA HIS B 70 -18.40 1.07 -37.45
C HIS B 70 -17.76 -0.03 -38.29
N ALA B 71 -16.54 -0.41 -37.92
CA ALA B 71 -15.80 -1.42 -38.65
C ALA B 71 -14.80 -2.05 -37.69
N SER B 72 -14.50 -3.34 -37.89
CA SER B 72 -13.59 -4.03 -36.99
C SER B 72 -12.83 -5.16 -37.67
N GLU B 73 -11.53 -5.21 -37.40
CA GLU B 73 -10.68 -6.32 -37.83
C GLU B 73 -10.31 -7.17 -36.62
N ASP B 74 -10.87 -6.83 -35.47
CA ASP B 74 -10.64 -7.57 -34.23
C ASP B 74 -11.81 -8.56 -34.09
N PRO B 75 -11.50 -9.86 -33.98
CA PRO B 75 -12.61 -10.82 -34.00
C PRO B 75 -13.53 -10.76 -32.79
N ARG B 76 -13.14 -10.02 -31.75
CA ARG B 76 -13.99 -9.91 -30.57
C ARG B 76 -15.10 -8.90 -30.76
N PHE B 77 -14.97 -8.07 -31.79
CA PHE B 77 -15.91 -6.96 -32.01
C PHE B 77 -16.52 -6.97 -33.40
N HIS B 78 -17.82 -6.68 -33.48
CA HIS B 78 -18.54 -6.69 -34.76
C HIS B 78 -19.19 -5.35 -35.05
N ALA B 79 -19.35 -5.03 -36.34
CA ALA B 79 -20.03 -3.80 -36.74
C ALA B 79 -21.39 -3.71 -36.08
N GLY B 80 -21.70 -2.53 -35.54
CA GLY B 80 -22.96 -2.31 -34.85
C GLY B 80 -22.92 -2.58 -33.37
N GLN B 81 -21.87 -3.25 -32.89
CA GLN B 81 -21.81 -3.59 -31.48
C GLN B 81 -21.62 -2.35 -30.62
N GLU B 82 -22.31 -2.30 -29.48
CA GLU B 82 -22.11 -1.23 -28.51
C GLU B 82 -20.84 -1.46 -27.69
N VAL B 83 -19.96 -0.47 -27.67
CA VAL B 83 -18.70 -0.59 -26.94
C VAL B 83 -18.41 0.70 -26.17
N LEU B 84 -17.45 0.64 -25.26
CA LEU B 84 -16.99 1.83 -24.57
C LEU B 84 -15.49 1.76 -24.48
N LEU B 85 -14.88 2.91 -24.21
CA LEU B 85 -13.44 2.93 -23.99
C LEU B 85 -13.14 3.95 -22.93
N THR B 86 -12.27 3.59 -22.00
CA THR B 86 -11.66 4.58 -21.13
C THR B 86 -10.15 4.30 -21.05
N GLY B 87 -9.34 5.34 -21.15
CA GLY B 87 -7.90 5.20 -20.91
C GLY B 87 -7.04 4.72 -22.06
N TRP B 88 -6.00 3.95 -21.73
CA TRP B 88 -5.03 3.40 -22.71
C TRP B 88 -4.22 4.43 -23.52
N GLY B 89 -4.17 5.67 -23.05
CA GLY B 89 -3.46 6.71 -23.79
C GLY B 89 -4.38 7.49 -24.71
N VAL B 90 -5.57 6.96 -24.96
CA VAL B 90 -6.54 7.66 -25.80
C VAL B 90 -6.84 9.04 -25.20
N GLY B 91 -6.83 10.06 -26.04
CA GLY B 91 -7.06 11.42 -25.58
C GLY B 91 -5.85 12.07 -24.97
N GLU B 92 -4.73 11.34 -24.92
CA GLU B 92 -3.46 11.86 -24.43
C GLU B 92 -2.38 11.84 -25.52
N ASN B 93 -2.08 10.62 -25.99
CA ASN B 93 -1.13 10.42 -27.07
C ASN B 93 -1.73 9.77 -28.31
N HIS B 94 -3.04 9.58 -28.28
CA HIS B 94 -3.75 9.00 -29.41
C HIS B 94 -5.05 9.76 -29.55
N TRP B 95 -5.51 9.97 -30.77
CA TRP B 95 -6.69 10.81 -30.97
C TRP B 95 -7.90 10.24 -30.22
N GLY B 96 -8.56 11.14 -29.51
CA GLY B 96 -9.60 10.86 -28.54
C GLY B 96 -11.08 10.77 -28.82
N GLY B 97 -11.79 10.69 -27.70
CA GLY B 97 -13.23 10.58 -27.58
C GLY B 97 -14.11 11.70 -28.07
N LEU B 98 -13.64 12.94 -27.89
CA LEU B 98 -14.45 14.10 -28.24
C LEU B 98 -14.38 14.35 -29.73
N ALA B 99 -14.95 13.41 -30.46
CA ALA B 99 -15.03 13.44 -31.89
C ALA B 99 -16.17 12.53 -32.29
N GLU B 100 -16.70 12.71 -33.48
CA GLU B 100 -17.81 11.89 -33.95
C GLU B 100 -17.36 10.48 -34.31
N ARG B 101 -16.07 10.30 -34.46
CA ARG B 101 -15.52 9.00 -34.81
C ARG B 101 -14.12 8.83 -34.23
N ALA B 102 -13.79 7.61 -33.84
CA ALA B 102 -12.48 7.28 -33.29
C ALA B 102 -11.99 5.95 -33.86
N ARG B 103 -10.69 5.81 -33.99
CA ARG B 103 -10.11 4.56 -34.47
C ARG B 103 -9.06 4.16 -33.46
N VAL B 104 -9.21 2.95 -32.91
CA VAL B 104 -8.41 2.50 -31.79
C VAL B 104 -8.07 1.03 -31.95
N LYS B 105 -7.15 0.56 -31.10
CA LYS B 105 -6.87 -0.87 -30.99
C LYS B 105 -8.02 -1.55 -30.27
N GLY B 106 -8.43 -2.71 -30.76
CA GLY B 106 -9.51 -3.44 -30.15
C GLY B 106 -9.18 -3.85 -28.73
N ASP B 107 -7.88 -3.93 -28.43
CA ASP B 107 -7.42 -4.28 -27.07
C ASP B 107 -7.87 -3.23 -26.05
N TRP B 108 -8.19 -2.03 -26.53
CA TRP B 108 -8.51 -0.92 -25.65
C TRP B 108 -10.02 -0.81 -25.36
N LEU B 109 -10.82 -1.58 -26.11
CA LEU B 109 -12.28 -1.47 -26.01
C LEU B 109 -12.85 -2.42 -24.96
N VAL B 110 -14.00 -2.05 -24.42
CA VAL B 110 -14.77 -2.93 -23.55
C VAL B 110 -16.17 -3.02 -24.15
N ALA B 111 -16.68 -4.25 -24.31
CA ALA B 111 -18.06 -4.39 -24.77
C ALA B 111 -18.99 -3.76 -23.73
N LEU B 112 -19.97 -2.99 -24.17
CA LEU B 112 -20.92 -2.36 -23.27
C LEU B 112 -21.63 -3.49 -22.54
N PRO B 113 -21.56 -3.51 -21.21
CA PRO B 113 -22.19 -4.65 -20.56
C PRO B 113 -23.71 -4.62 -20.65
N ALA B 114 -24.30 -5.80 -20.70
CA ALA B 114 -25.73 -5.92 -20.53
C ALA B 114 -26.03 -5.28 -19.19
N GLY B 115 -27.01 -4.38 -19.20
CA GLY B 115 -27.47 -3.78 -17.97
C GLY B 115 -26.97 -2.36 -17.83
N LEU B 116 -26.15 -1.91 -18.78
CA LEU B 116 -25.66 -0.54 -18.76
C LEU B 116 -25.97 0.17 -20.08
N SER B 117 -26.59 1.35 -20.04
CA SER B 117 -26.83 2.09 -21.27
C SER B 117 -25.55 2.80 -21.70
N SER B 118 -25.43 3.06 -23.00
CA SER B 118 -24.26 3.74 -23.55
C SER B 118 -24.09 5.10 -22.89
N ARG B 119 -25.21 5.81 -22.68
CA ARG B 119 -25.18 7.13 -22.04
C ARG B 119 -24.67 7.04 -20.60
N ASN B 120 -25.19 6.07 -19.84
CA ASN B 120 -24.79 5.92 -18.44
C ASN B 120 -23.34 5.46 -18.29
N ALA B 121 -22.82 4.76 -19.28
CA ALA B 121 -21.43 4.32 -19.24
C ALA B 121 -20.53 5.55 -19.22
N MSE B 122 -20.87 6.54 -20.05
CA MSE B 122 -20.14 7.81 -20.09
C MSE B 122 -20.29 8.66 -18.83
O MSE B 122 -19.35 9.34 -18.43
CB MSE B 122 -20.38 8.58 -21.37
CG MSE B 122 -19.61 8.01 -22.54
SE MSE B 122 -17.71 7.72 -22.17
CE MSE B 122 -17.71 5.81 -21.73
N ILE B 123 -21.47 8.65 -18.23
CA ILE B 123 -21.67 9.42 -17.02
C ILE B 123 -20.67 8.86 -16.01
N ILE B 124 -20.53 7.55 -15.98
CA ILE B 124 -19.53 6.96 -15.10
C ILE B 124 -18.12 7.37 -15.58
N GLY B 125 -17.84 7.12 -16.86
CA GLY B 125 -16.59 7.52 -17.48
C GLY B 125 -15.35 6.94 -16.82
N THR B 126 -14.21 7.58 -17.04
CA THR B 126 -12.98 7.23 -16.31
C THR B 126 -13.16 7.42 -14.81
N ALA B 127 -13.77 8.53 -14.42
CA ALA B 127 -13.92 8.86 -13.01
C ALA B 127 -14.66 7.77 -12.23
N GLY B 128 -15.80 7.33 -12.75
CA GLY B 128 -16.61 6.32 -12.09
C GLY B 128 -15.98 4.92 -12.09
N PHE B 129 -15.34 4.59 -13.20
CA PHE B 129 -14.62 3.34 -13.35
C PHE B 129 -13.52 3.31 -12.29
N THR B 130 -12.86 4.44 -12.10
CA THR B 130 -11.77 4.55 -11.12
C THR B 130 -12.33 4.34 -9.69
N ALA B 131 -13.45 4.97 -9.40
CA ALA B 131 -14.12 4.77 -8.12
C ALA B 131 -14.44 3.29 -7.91
N MSE B 132 -14.90 2.61 -8.94
CA MSE B 132 -15.24 1.20 -8.80
C MSE B 132 -13.97 0.43 -8.43
O MSE B 132 -13.98 -0.38 -7.51
CB MSE B 132 -15.86 0.64 -10.08
CG MSE B 132 -16.50 -0.72 -9.95
SE MSE B 132 -18.03 -0.80 -8.74
CE MSE B 132 -17.20 -1.87 -7.40
N LEU B 133 -12.87 0.71 -9.15
CA LEU B 133 -11.60 0.06 -8.86
C LEU B 133 -11.14 0.30 -7.42
N CYS B 134 -11.34 1.52 -6.92
CA CYS B 134 -11.01 1.84 -5.54
C CYS B 134 -11.83 1.02 -4.55
N VAL B 135 -13.12 0.88 -4.82
CA VAL B 135 -14.01 0.08 -3.97
C VAL B 135 -13.56 -1.37 -3.99
N MSE B 136 -13.23 -1.87 -5.17
CA MSE B 136 -12.74 -3.24 -5.26
C MSE B 136 -11.41 -3.40 -4.51
O MSE B 136 -11.13 -4.46 -3.96
CB MSE B 136 -12.63 -3.69 -6.71
CG MSE B 136 -14.00 -3.77 -7.39
SE MSE B 136 -13.78 -3.88 -9.32
CE MSE B 136 -13.33 -5.77 -9.44
N ALA B 137 -10.62 -2.33 -4.45
CA ALA B 137 -9.36 -2.38 -3.67
C ALA B 137 -9.62 -2.52 -2.18
N LEU B 138 -10.62 -1.80 -1.67
CA LEU B 138 -11.00 -1.93 -0.26
C LEU B 138 -11.49 -3.34 0.03
N GLU B 139 -12.25 -3.89 -0.90
CA GLU B 139 -12.75 -5.27 -0.73
C GLU B 139 -11.62 -6.29 -0.72
N ASP B 140 -10.66 -6.11 -1.63
CA ASP B 140 -9.45 -6.95 -1.68
C ASP B 140 -8.73 -6.95 -0.33
N ALA B 141 -8.73 -5.79 0.32
CA ALA B 141 -8.10 -5.65 1.63
C ALA B 141 -8.98 -6.16 2.79
N GLY B 142 -10.18 -6.65 2.48
CA GLY B 142 -11.06 -7.21 3.50
C GLY B 142 -11.83 -6.17 4.29
N ILE B 143 -11.92 -4.96 3.76
CA ILE B 143 -12.65 -3.90 4.45
C ILE B 143 -14.15 -4.07 4.22
N ARG B 144 -14.87 -4.34 5.30
CA ARG B 144 -16.32 -4.57 5.22
C ARG B 144 -17.10 -3.46 5.93
N PRO B 145 -18.38 -3.28 5.57
CA PRO B 145 -19.23 -2.28 6.22
C PRO B 145 -19.14 -2.32 7.75
N GLN B 146 -19.01 -3.52 8.32
CA GLN B 146 -18.98 -3.70 9.77
C GLN B 146 -17.65 -3.26 10.42
N ASP B 147 -16.62 -3.05 9.60
CA ASP B 147 -15.30 -2.73 10.13
C ASP B 147 -15.13 -1.27 10.56
N GLY B 148 -15.98 -0.39 10.05
CA GLY B 148 -15.91 1.01 10.43
C GLY B 148 -16.17 1.99 9.30
N GLU B 149 -15.99 3.27 9.59
CA GLU B 149 -16.31 4.33 8.64
C GLU B 149 -15.29 4.39 7.51
N VAL B 150 -15.76 4.61 6.29
CA VAL B 150 -14.89 4.83 5.14
C VAL B 150 -14.94 6.30 4.75
N VAL B 151 -13.78 6.91 4.52
CA VAL B 151 -13.73 8.32 4.18
C VAL B 151 -13.41 8.51 2.70
N VAL B 152 -14.11 9.45 2.08
CA VAL B 152 -13.90 9.79 0.67
C VAL B 152 -13.44 11.24 0.57
N THR B 153 -12.30 11.49 -0.07
CA THR B 153 -11.82 12.87 -0.26
C THR B 153 -12.13 13.39 -1.67
N GLY B 154 -12.06 14.71 -1.84
CA GLY B 154 -12.54 15.34 -3.06
C GLY B 154 -13.93 14.82 -3.42
N ALA B 155 -14.77 14.70 -2.39
CA ALA B 155 -16.01 13.93 -2.49
C ALA B 155 -17.03 14.45 -3.52
N SER B 156 -17.05 15.75 -3.77
CA SER B 156 -18.05 16.33 -4.67
C SER B 156 -17.65 16.18 -6.15
N GLY B 157 -16.46 15.67 -6.41
CA GLY B 157 -15.96 15.54 -7.77
C GLY B 157 -16.47 14.33 -8.50
N GLY B 158 -15.91 14.06 -9.68
CA GLY B 158 -16.37 12.93 -10.47
C GLY B 158 -16.10 11.59 -9.79
N VAL B 159 -14.83 11.31 -9.44
CA VAL B 159 -14.52 10.08 -8.73
C VAL B 159 -15.17 10.05 -7.36
N GLY B 160 -15.06 11.15 -6.61
CA GLY B 160 -15.62 11.21 -5.28
C GLY B 160 -17.12 10.93 -5.21
N SER B 161 -17.88 11.52 -6.13
CA SER B 161 -19.34 11.37 -6.15
C SER B 161 -19.71 9.91 -6.36
N THR B 162 -19.06 9.27 -7.31
CA THR B 162 -19.32 7.88 -7.65
C THR B 162 -18.99 6.97 -6.46
N ALA B 163 -17.85 7.23 -5.82
CA ALA B 163 -17.42 6.43 -4.69
C ALA B 163 -18.40 6.52 -3.52
N VAL B 164 -18.88 7.73 -3.23
CA VAL B 164 -19.90 7.89 -2.18
C VAL B 164 -21.14 7.03 -2.43
N ALA B 165 -21.67 7.09 -3.65
CA ALA B 165 -22.85 6.33 -4.02
C ALA B 165 -22.62 4.81 -3.98
N LEU B 166 -21.46 4.37 -4.47
CA LEU B 166 -21.12 2.94 -4.45
C LEU B 166 -21.03 2.42 -3.02
N LEU B 167 -20.30 3.15 -2.18
CA LEU B 167 -20.11 2.75 -0.80
C LEU B 167 -21.42 2.76 -0.05
N HIS B 168 -22.22 3.79 -0.29
CA HIS B 168 -23.54 3.85 0.32
C HIS B 168 -24.39 2.64 -0.07
N LYS B 169 -24.43 2.34 -1.36
CA LYS B 169 -25.23 1.23 -1.84
C LYS B 169 -24.77 -0.08 -1.18
N LEU B 170 -23.46 -0.22 -1.02
CA LEU B 170 -22.88 -1.45 -0.48
C LEU B 170 -22.95 -1.55 1.04
N GLY B 171 -23.50 -0.51 1.67
CA GLY B 171 -23.82 -0.58 3.09
C GLY B 171 -22.80 0.01 4.06
N TYR B 172 -21.81 0.72 3.54
CA TYR B 172 -20.78 1.34 4.38
C TYR B 172 -21.27 2.64 4.98
N GLN B 173 -20.76 2.96 6.16
CA GLN B 173 -20.89 4.29 6.72
C GLN B 173 -19.84 5.16 6.03
N VAL B 174 -20.27 6.26 5.42
CA VAL B 174 -19.40 7.09 4.59
C VAL B 174 -19.24 8.50 5.13
N ALA B 175 -17.99 8.93 5.29
CA ALA B 175 -17.67 10.30 5.63
C ALA B 175 -17.07 10.99 4.40
N ALA B 176 -17.69 12.09 3.97
CA ALA B 176 -17.25 12.79 2.77
C ALA B 176 -16.48 14.05 3.11
N VAL B 177 -15.32 14.23 2.48
CA VAL B 177 -14.51 15.42 2.70
C VAL B 177 -14.59 16.36 1.51
N SER B 178 -14.89 17.62 1.79
CA SER B 178 -15.08 18.61 0.74
C SER B 178 -14.59 19.99 1.13
N GLY B 179 -13.96 20.68 0.19
CA GLY B 179 -13.51 22.04 0.41
C GLY B 179 -14.59 23.07 0.15
N ARG B 180 -15.73 22.65 -0.40
CA ARG B 180 -16.82 23.56 -0.71
C ARG B 180 -18.08 23.31 0.11
N GLU B 181 -18.66 24.39 0.62
CA GLU B 181 -19.84 24.29 1.48
C GLU B 181 -21.11 24.11 0.65
N SER B 182 -21.07 24.53 -0.61
CA SER B 182 -22.22 24.46 -1.49
C SER B 182 -22.54 23.04 -1.94
N THR B 183 -21.61 22.12 -1.71
CA THR B 183 -21.76 20.74 -2.19
C THR B 183 -22.38 19.81 -1.15
N HIS B 184 -22.67 20.32 0.02
CA HIS B 184 -23.10 19.46 1.13
C HIS B 184 -24.44 18.75 0.90
N GLY B 185 -25.47 19.51 0.55
CA GLY B 185 -26.76 18.92 0.26
C GLY B 185 -26.64 17.84 -0.82
N TYR B 186 -25.82 18.13 -1.82
CA TYR B 186 -25.56 17.21 -2.91
C TYR B 186 -24.94 15.92 -2.39
N LEU B 187 -23.95 16.06 -1.51
CA LEU B 187 -23.22 14.93 -0.99
C LEU B 187 -24.09 14.04 -0.11
N LYS B 188 -24.96 14.68 0.68
CA LYS B 188 -25.90 13.97 1.53
C LYS B 188 -26.84 13.13 0.68
N SER B 189 -27.27 13.68 -0.44
CA SER B 189 -28.23 13.00 -1.30
C SER B 189 -27.57 11.83 -2.01
N LEU B 190 -26.26 11.90 -2.19
CA LEU B 190 -25.51 10.79 -2.77
C LEU B 190 -25.40 9.62 -1.78
N GLY B 191 -25.50 9.94 -0.48
CA GLY B 191 -25.51 8.90 0.53
C GLY B 191 -24.51 9.10 1.65
N ALA B 192 -23.78 10.20 1.61
CA ALA B 192 -22.82 10.51 2.67
C ALA B 192 -23.50 10.59 4.02
N ASN B 193 -22.98 9.85 4.99
CA ASN B 193 -23.51 9.88 6.35
C ASN B 193 -23.08 11.15 7.07
N ARG B 194 -21.88 11.63 6.79
CA ARG B 194 -21.49 12.94 7.28
C ARG B 194 -20.48 13.63 6.38
N ILE B 195 -20.42 14.95 6.50
CA ILE B 195 -19.54 15.77 5.67
C ILE B 195 -18.48 16.44 6.54
N LEU B 196 -17.25 16.44 6.06
CA LEU B 196 -16.13 17.04 6.78
C LEU B 196 -15.42 18.06 5.90
N SER B 197 -14.96 19.14 6.49
CA SER B 197 -14.24 20.16 5.74
C SER B 197 -12.82 19.76 5.38
N ARG B 198 -12.37 20.21 4.22
CA ARG B 198 -11.03 19.97 3.71
C ARG B 198 -9.96 20.54 4.63
N ASP B 199 -10.23 21.71 5.20
CA ASP B 199 -9.26 22.38 6.07
C ASP B 199 -8.94 21.56 7.33
N GLU B 200 -9.78 20.58 7.62
CA GLU B 200 -9.58 19.70 8.75
C GLU B 200 -8.44 18.73 8.48
N PHE B 201 -7.93 18.74 7.25
CA PHE B 201 -6.85 17.84 6.88
C PHE B 201 -5.72 18.64 6.28
N ALA B 202 -5.09 19.47 7.12
CA ALA B 202 -3.99 20.31 6.68
C ALA B 202 -2.61 19.79 7.11
N GLU B 203 -2.47 19.42 8.37
CA GLU B 203 -1.20 18.90 8.86
C GLU B 203 -1.43 17.77 9.83
N SER B 204 -0.49 16.84 9.90
CA SER B 204 -0.65 15.70 10.78
C SER B 204 0.63 15.23 11.45
N ARG B 205 0.46 14.56 12.56
CA ARG B 205 1.53 13.85 13.24
C ARG B 205 1.68 12.57 12.44
N PRO B 206 2.72 11.81 12.71
CA PRO B 206 2.93 10.55 12.00
C PRO B 206 1.78 9.60 12.25
N LEU B 207 1.28 9.58 13.48
CA LEU B 207 0.09 8.81 13.82
C LEU B 207 -0.95 9.72 14.48
N GLU B 208 -2.18 9.66 13.99
CA GLU B 208 -3.30 10.36 14.62
C GLU B 208 -4.20 9.32 15.26
N LYS B 209 -5.30 9.76 15.86
CA LYS B 209 -6.28 8.83 16.40
C LYS B 209 -6.88 8.00 15.26
N GLN B 210 -7.08 6.72 15.51
CA GLN B 210 -7.63 5.83 14.50
C GLN B 210 -9.11 6.12 14.21
N LEU B 211 -9.41 6.44 12.95
CA LEU B 211 -10.75 6.86 12.57
C LEU B 211 -11.36 6.01 11.46
N TRP B 212 -10.55 5.63 10.47
CA TRP B 212 -11.10 5.08 9.24
C TRP B 212 -10.77 3.61 9.07
N ALA B 213 -11.77 2.80 8.73
CA ALA B 213 -11.53 1.43 8.33
C ALA B 213 -10.98 1.41 6.91
N GLY B 214 -11.41 2.39 6.12
CA GLY B 214 -11.06 2.45 4.71
C GLY B 214 -11.09 3.88 4.23
N ALA B 215 -10.49 4.12 3.07
CA ALA B 215 -10.45 5.46 2.50
C ALA B 215 -10.34 5.40 0.98
N ILE B 216 -10.99 6.35 0.31
CA ILE B 216 -10.81 6.54 -1.12
C ILE B 216 -10.33 7.95 -1.34
N ASP B 217 -9.07 8.10 -1.76
CA ASP B 217 -8.44 9.42 -1.88
C ASP B 217 -8.27 9.88 -3.32
N THR B 218 -8.76 11.08 -3.62
CA THR B 218 -8.63 11.67 -4.94
C THR B 218 -7.72 12.90 -4.89
N VAL B 219 -7.25 13.22 -3.69
CA VAL B 219 -6.58 14.50 -3.46
C VAL B 219 -5.05 14.45 -3.44
N GLY B 220 -4.49 13.41 -2.82
CA GLY B 220 -3.05 13.30 -2.65
C GLY B 220 -2.50 14.31 -1.65
N ASP B 221 -1.20 14.58 -1.75
CA ASP B 221 -0.59 15.68 -0.99
C ASP B 221 -0.86 15.54 0.51
N LYS B 222 -1.16 16.65 1.18
CA LYS B 222 -1.31 16.65 2.64
C LYS B 222 -2.59 15.98 3.13
N VAL B 223 -3.63 16.03 2.30
CA VAL B 223 -4.89 15.38 2.67
C VAL B 223 -4.68 13.87 2.81
N LEU B 224 -4.06 13.26 1.80
CA LEU B 224 -3.76 11.84 1.84
C LEU B 224 -2.82 11.51 3.02
N ALA B 225 -1.86 12.39 3.28
CA ALA B 225 -0.93 12.15 4.40
C ALA B 225 -1.70 12.05 5.70
N LYS B 226 -2.67 12.94 5.90
CA LYS B 226 -3.42 12.92 7.15
C LYS B 226 -4.36 11.73 7.23
N VAL B 227 -4.99 11.38 6.12
CA VAL B 227 -5.86 10.20 6.11
C VAL B 227 -5.06 8.95 6.53
N LEU B 228 -3.84 8.82 6.00
CA LEU B 228 -2.99 7.67 6.35
C LEU B 228 -2.73 7.62 7.85
N ALA B 229 -2.44 8.77 8.44
CA ALA B 229 -2.17 8.85 9.87
C ALA B 229 -3.40 8.50 10.71
N GLN B 230 -4.57 8.49 10.07
CA GLN B 230 -5.83 8.27 10.76
C GLN B 230 -6.42 6.88 10.52
N MSE B 231 -5.70 6.02 9.82
CA MSE B 231 -6.24 4.70 9.49
C MSE B 231 -6.29 3.76 10.68
O MSE B 231 -5.34 3.71 11.46
CB MSE B 231 -5.44 4.06 8.36
CG MSE B 231 -5.40 4.87 7.07
SE MSE B 231 -7.17 5.34 6.40
CE MSE B 231 -7.90 3.55 6.14
N ASN B 232 -7.38 3.02 10.83
CA ASN B 232 -7.45 1.96 11.82
C ASN B 232 -6.36 0.94 11.56
N TYR B 233 -5.96 0.22 12.60
CA TYR B 233 -5.05 -0.91 12.44
C TYR B 233 -5.61 -1.83 11.36
N GLY B 234 -4.80 -2.16 10.37
CA GLY B 234 -5.20 -3.05 9.29
C GLY B 234 -6.13 -2.40 8.27
N GLY B 235 -6.28 -1.08 8.33
CA GLY B 235 -7.09 -0.37 7.37
C GLY B 235 -6.46 -0.31 5.98
N CYS B 236 -7.24 0.10 4.99
CA CYS B 236 -6.74 0.23 3.62
C CYS B 236 -7.15 1.57 3.01
N VAL B 237 -6.21 2.22 2.36
CA VAL B 237 -6.50 3.41 1.59
C VAL B 237 -6.32 3.11 0.12
N ALA B 238 -7.35 3.38 -0.68
CA ALA B 238 -7.23 3.34 -2.15
C ALA B 238 -6.96 4.75 -2.69
N ALA B 239 -5.79 4.96 -3.27
CA ALA B 239 -5.39 6.28 -3.74
C ALA B 239 -5.41 6.34 -5.25
N CYS B 240 -6.08 7.35 -5.81
CA CYS B 240 -6.18 7.46 -7.26
C CYS B 240 -5.88 8.85 -7.83
N GLY B 241 -5.74 9.87 -6.98
CA GLY B 241 -5.66 11.22 -7.51
C GLY B 241 -4.60 12.16 -6.98
N LEU B 242 -4.61 13.39 -7.49
CA LEU B 242 -3.64 14.40 -7.07
C LEU B 242 -4.25 15.78 -7.16
N ALA B 243 -5.56 15.88 -6.98
CA ALA B 243 -6.25 17.16 -7.10
C ALA B 243 -5.58 18.21 -6.22
N GLY B 244 -4.99 17.77 -5.10
CA GLY B 244 -4.35 18.66 -4.17
C GLY B 244 -2.84 18.78 -4.31
N GLY B 245 -2.24 17.98 -5.19
CA GLY B 245 -0.79 17.99 -5.35
C GLY B 245 -0.24 16.57 -5.43
N PHE B 246 0.83 16.37 -6.19
CA PHE B 246 1.33 15.01 -6.44
C PHE B 246 2.26 14.49 -5.35
N ALA B 247 2.72 15.38 -4.48
CA ALA B 247 3.60 14.98 -3.40
C ALA B 247 2.87 14.09 -2.39
N LEU B 248 3.63 13.26 -1.70
CA LEU B 248 3.12 12.40 -0.64
C LEU B 248 4.05 12.48 0.56
N PRO B 249 3.92 13.54 1.35
CA PRO B 249 4.79 13.74 2.51
C PRO B 249 4.27 12.99 3.72
N THR B 250 4.55 11.70 3.76
CA THR B 250 4.08 10.82 4.82
C THR B 250 5.23 10.16 5.56
N THR B 251 4.89 9.21 6.42
CA THR B 251 5.85 8.41 7.16
C THR B 251 5.49 6.93 7.10
N VAL B 252 6.42 6.09 7.47
CA VAL B 252 6.22 4.65 7.46
C VAL B 252 5.42 4.17 8.67
N MSE B 253 5.14 5.08 9.59
CA MSE B 253 4.51 4.68 10.85
C MSE B 253 3.14 4.01 10.71
O MSE B 253 2.88 2.98 11.35
CB MSE B 253 4.45 5.85 11.84
CG MSE B 253 5.81 6.43 12.20
SE MSE B 253 7.10 5.07 12.78
CE MSE B 253 7.92 6.09 14.23
N PRO B 254 2.23 4.57 9.89
CA PRO B 254 0.95 3.89 9.74
C PRO B 254 1.17 2.50 9.17
N PHE B 255 2.21 2.35 8.37
CA PHE B 255 2.46 1.08 7.70
C PHE B 255 3.05 0.03 8.64
N ILE B 256 4.14 0.38 9.32
CA ILE B 256 4.88 -0.61 10.10
C ILE B 256 4.32 -0.78 11.52
N LEU B 257 3.52 0.17 11.98
CA LEU B 257 2.95 0.08 13.33
C LEU B 257 1.46 -0.29 13.31
N ARG B 258 0.76 0.07 12.24
CA ARG B 258 -0.67 -0.19 12.16
C ARG B 258 -1.05 -1.13 11.02
N ASN B 259 -0.05 -1.65 10.31
CA ASN B 259 -0.31 -2.65 9.29
C ASN B 259 -1.28 -2.12 8.22
N VAL B 260 -1.14 -0.85 7.88
CA VAL B 260 -2.02 -0.21 6.89
C VAL B 260 -1.57 -0.54 5.46
N ARG B 261 -2.55 -0.68 4.56
CA ARG B 261 -2.26 -0.88 3.14
C ARG B 261 -2.62 0.37 2.36
N LEU B 262 -1.66 0.89 1.58
CA LEU B 262 -1.96 1.94 0.62
C LEU B 262 -2.00 1.29 -0.75
N GLN B 263 -3.20 1.17 -1.31
CA GLN B 263 -3.32 0.58 -2.65
C GLN B 263 -3.46 1.66 -3.71
N GLY B 264 -2.48 1.77 -4.60
CA GLY B 264 -2.58 2.68 -5.71
C GLY B 264 -3.58 2.13 -6.72
N VAL B 265 -4.35 3.02 -7.32
CA VAL B 265 -5.29 2.63 -8.36
C VAL B 265 -4.99 3.41 -9.63
N ASP B 266 -4.63 2.70 -10.68
CA ASP B 266 -4.48 3.29 -12.00
C ASP B 266 -5.61 2.87 -12.92
N SER B 267 -6.17 3.81 -13.68
CA SER B 267 -7.25 3.48 -14.59
C SER B 267 -6.74 3.39 -16.03
N VAL B 268 -5.55 3.92 -16.29
CA VAL B 268 -5.15 4.10 -17.68
C VAL B 268 -4.86 2.76 -18.32
N MSE B 269 -4.13 1.90 -17.59
CA MSE B 269 -3.68 0.64 -18.16
C MSE B 269 -4.18 -0.58 -17.38
O MSE B 269 -3.57 -1.64 -17.40
CB MSE B 269 -2.14 0.66 -18.27
CG MSE B 269 -1.62 1.67 -19.32
SE MSE B 269 0.33 1.50 -19.34
CE MSE B 269 0.69 2.14 -17.53
N THR B 270 -5.32 -0.43 -16.72
CA THR B 270 -5.94 -1.53 -15.98
C THR B 270 -6.11 -2.73 -16.89
N PRO B 271 -5.65 -3.91 -16.43
CA PRO B 271 -5.72 -5.11 -17.28
C PRO B 271 -7.15 -5.49 -17.62
N PRO B 272 -7.36 -6.02 -18.83
CA PRO B 272 -8.68 -6.33 -19.40
C PRO B 272 -9.60 -7.05 -18.43
N ALA B 273 -9.10 -8.07 -17.74
CA ALA B 273 -9.94 -8.88 -16.86
C ALA B 273 -10.51 -8.09 -15.68
N ARG B 274 -9.67 -7.34 -14.98
CA ARG B 274 -10.14 -6.54 -13.86
C ARG B 274 -11.05 -5.44 -14.42
N ARG B 275 -10.67 -4.92 -15.57
CA ARG B 275 -11.45 -3.87 -16.24
C ARG B 275 -12.88 -4.33 -16.54
N ALA B 276 -13.02 -5.51 -17.15
CA ALA B 276 -14.34 -6.08 -17.43
C ALA B 276 -15.14 -6.27 -16.14
N GLU B 277 -14.47 -6.79 -15.12
CA GLU B 277 -15.11 -7.02 -13.82
C GLU B 277 -15.67 -5.74 -13.19
N ALA B 278 -14.91 -4.65 -13.27
CA ALA B 278 -15.32 -3.37 -12.73
C ALA B 278 -16.60 -2.87 -13.41
N TRP B 279 -16.66 -3.00 -14.74
CA TRP B 279 -17.83 -2.56 -15.46
C TRP B 279 -19.03 -3.42 -15.09
N ALA B 280 -18.84 -4.74 -14.98
CA ALA B 280 -19.95 -5.60 -14.52
C ALA B 280 -20.44 -5.22 -13.11
N ARG B 281 -19.51 -4.87 -12.22
CA ARG B 281 -19.89 -4.45 -10.86
C ARG B 281 -20.68 -3.15 -10.86
N LEU B 282 -20.29 -2.21 -11.73
CA LEU B 282 -21.00 -0.94 -11.84
C LEU B 282 -22.48 -1.12 -12.20
N VAL B 283 -22.75 -2.12 -13.04
CA VAL B 283 -24.14 -2.40 -13.41
C VAL B 283 -24.92 -2.76 -12.16
N LYS B 284 -24.29 -3.55 -11.29
CA LYS B 284 -24.93 -4.07 -10.08
C LYS B 284 -25.01 -3.05 -8.94
N ASP B 285 -23.97 -2.23 -8.79
CA ASP B 285 -23.78 -1.46 -7.57
C ASP B 285 -24.08 0.03 -7.61
N LEU B 286 -24.25 0.58 -8.81
CA LEU B 286 -24.58 1.99 -8.92
C LEU B 286 -26.09 2.13 -9.15
N PRO B 287 -26.79 2.79 -8.21
CA PRO B 287 -28.25 2.94 -8.31
C PRO B 287 -28.65 3.85 -9.46
N GLU B 288 -29.77 3.55 -10.12
CA GLU B 288 -30.20 4.35 -11.26
C GLU B 288 -30.35 5.82 -10.88
N SER B 289 -30.62 6.08 -9.60
CA SER B 289 -30.79 7.45 -9.12
C SER B 289 -29.52 8.28 -9.22
N PHE B 290 -28.37 7.59 -9.21
CA PHE B 290 -27.08 8.27 -9.28
C PHE B 290 -26.93 9.05 -10.58
N TYR B 291 -27.37 8.43 -11.66
CA TYR B 291 -27.20 9.01 -12.99
C TYR B 291 -27.94 10.35 -13.16
N ALA B 292 -29.11 10.48 -12.54
CA ALA B 292 -29.83 11.75 -12.58
C ALA B 292 -29.18 12.78 -11.65
N GLN B 293 -28.68 12.32 -10.51
CA GLN B 293 -28.12 13.21 -9.50
C GLN B 293 -26.80 13.85 -9.92
N ALA B 294 -25.92 13.07 -10.53
CA ALA B 294 -24.52 13.46 -10.68
C ALA B 294 -24.17 14.08 -12.03
N ALA B 295 -24.98 13.83 -13.03
CA ALA B 295 -24.63 14.21 -14.41
C ALA B 295 -25.15 15.59 -14.83
N THR B 296 -24.34 16.28 -15.62
CA THR B 296 -24.76 17.44 -16.38
C THR B 296 -24.38 17.13 -17.82
N GLU B 297 -25.33 17.23 -18.73
CA GLU B 297 -25.07 16.93 -20.14
C GLU B 297 -24.78 18.21 -20.92
N ILE B 298 -23.74 18.18 -21.74
CA ILE B 298 -23.38 19.33 -22.57
C ILE B 298 -23.16 18.88 -24.00
N THR B 299 -22.97 19.83 -24.90
CA THR B 299 -22.68 19.52 -26.30
C THR B 299 -21.20 19.74 -26.56
N LEU B 300 -20.72 19.21 -27.68
CA LEU B 300 -19.28 19.21 -27.94
C LEU B 300 -18.66 20.61 -27.88
N ALA B 301 -19.32 21.61 -28.46
CA ALA B 301 -18.74 22.95 -28.51
C ALA B 301 -18.69 23.63 -27.15
N ASP B 302 -19.40 23.08 -26.16
CA ASP B 302 -19.41 23.66 -24.82
C ASP B 302 -18.29 23.10 -23.94
N ALA B 303 -17.57 22.11 -24.46
CA ALA B 303 -16.54 21.44 -23.68
C ALA B 303 -15.44 22.37 -23.15
N PRO B 304 -14.91 23.27 -24.00
CA PRO B 304 -13.84 24.14 -23.51
C PRO B 304 -14.29 24.98 -22.32
N LYS B 305 -15.51 25.48 -22.36
CA LYS B 305 -16.08 26.26 -21.28
C LYS B 305 -16.16 25.42 -20.00
N PHE B 306 -16.64 24.19 -20.13
CA PHE B 306 -16.73 23.32 -18.97
C PHE B 306 -15.36 22.84 -18.50
N ALA B 307 -14.44 22.67 -19.43
CA ALA B 307 -13.06 22.34 -19.07
C ALA B 307 -12.55 23.40 -18.10
N ASP B 308 -12.79 24.66 -18.44
CA ASP B 308 -12.42 25.78 -17.59
C ASP B 308 -13.09 25.68 -16.21
N ALA B 309 -14.38 25.41 -16.19
CA ALA B 309 -15.13 25.29 -14.94
C ALA B 309 -14.61 24.16 -14.05
N ILE B 310 -14.21 23.06 -14.67
CA ILE B 310 -13.65 21.93 -13.95
C ILE B 310 -12.31 22.29 -13.30
N ILE B 311 -11.43 22.93 -14.06
CA ILE B 311 -10.13 23.32 -13.54
C ILE B 311 -10.29 24.30 -12.37
N ASN B 312 -11.29 25.17 -12.47
CA ASN B 312 -11.54 26.15 -11.43
C ASN B 312 -12.45 25.62 -10.33
N ASN B 313 -12.68 24.32 -10.34
CA ASN B 313 -13.48 23.65 -9.32
C ASN B 313 -14.83 24.32 -9.15
N GLN B 314 -15.50 24.55 -10.28
CA GLN B 314 -16.78 25.25 -10.27
C GLN B 314 -17.94 24.31 -10.61
N VAL B 315 -17.64 23.02 -10.71
CA VAL B 315 -18.65 22.02 -11.02
C VAL B 315 -18.69 20.94 -9.95
N GLN B 316 -19.76 20.17 -9.92
CA GLN B 316 -19.86 19.04 -9.02
C GLN B 316 -20.42 17.85 -9.79
N GLY B 317 -19.97 16.65 -9.46
CA GLY B 317 -20.46 15.47 -10.16
C GLY B 317 -19.74 15.27 -11.47
N ARG B 318 -20.47 14.77 -12.47
CA ARG B 318 -19.86 14.34 -13.72
C ARG B 318 -20.35 15.12 -14.94
N THR B 319 -19.44 15.42 -15.86
CA THR B 319 -19.78 16.12 -17.08
C THR B 319 -19.86 15.16 -18.26
N LEU B 320 -21.08 14.95 -18.74
CA LEU B 320 -21.36 14.07 -19.87
C LEU B 320 -21.45 14.89 -21.15
N VAL B 321 -20.77 14.45 -22.21
CA VAL B 321 -20.78 15.18 -23.47
C VAL B 321 -21.56 14.42 -24.54
N LYS B 322 -22.67 15.00 -24.99
CA LYS B 322 -23.40 14.41 -26.09
C LYS B 322 -22.62 14.63 -27.38
N ILE B 323 -22.34 13.57 -28.11
CA ILE B 323 -21.61 13.69 -29.36
C ILE B 323 -22.57 13.40 -30.50
N LYS B 324 -23.42 12.41 -30.30
CA LYS B 324 -24.44 12.01 -31.26
C LYS B 324 -23.86 11.87 -32.66
PA NAP C . 18.95 -4.80 11.53
O1A NAP C . 19.41 -6.19 11.74
O2A NAP C . 19.70 -3.73 12.21
O5B NAP C . 18.84 -4.50 9.96
C5B NAP C . 18.73 -3.17 9.53
C4B NAP C . 19.58 -3.08 8.28
O4B NAP C . 19.36 -1.84 7.67
C3B NAP C . 21.08 -3.16 8.58
O3B NAP C . 21.55 -4.49 8.49
C2B NAP C . 21.68 -2.29 7.48
O2B NAP C . 21.89 -3.14 6.37
C1B NAP C . 20.57 -1.33 7.12
N9A NAP C . 20.78 0.00 7.71
C8A NAP C . 21.15 0.30 9.01
N7A NAP C . 21.20 1.64 9.12
C5A NAP C . 20.87 2.20 7.95
C6A NAP C . 20.76 3.52 7.52
N6A NAP C . 21.03 4.53 8.34
N1A NAP C . 20.38 3.78 6.22
C2A NAP C . 20.11 2.73 5.36
N3A NAP C . 20.22 1.43 5.78
C4A NAP C . 20.59 1.17 7.06
O3 NAP C . 17.42 -4.67 12.00
PN NAP C . 16.24 -5.75 11.97
O1N NAP C . 16.07 -6.37 13.30
O2N NAP C . 16.48 -6.60 10.78
O5D NAP C . 15.00 -4.74 11.68
C5D NAP C . 14.98 -4.03 10.47
C4D NAP C . 13.98 -2.90 10.57
O4D NAP C . 12.69 -3.46 10.68
C3D NAP C . 14.19 -2.05 11.81
O3D NAP C . 13.89 -0.71 11.51
C2D NAP C . 13.18 -2.59 12.79
O2D NAP C . 12.75 -1.59 13.69
C1D NAP C . 12.06 -2.99 11.85
N1N NAP C . 11.18 -4.04 12.38
C2N NAP C . 9.86 -3.75 12.54
C3N NAP C . 8.95 -4.70 13.01
C7N NAP C . 7.51 -4.48 12.67
O7N NAP C . 6.51 -4.91 13.56
N7N NAP C . 7.21 -3.88 11.53
C4N NAP C . 9.42 -5.97 13.31
C5N NAP C . 10.78 -6.27 13.14
C6N NAP C . 11.64 -5.29 12.65
P2B NAP C . 23.16 -2.91 5.38
O1X NAP C . 23.28 -4.14 4.54
O2X NAP C . 22.90 -1.70 4.50
O3X NAP C . 24.38 -2.70 6.24
PA NAP D . -12.73 16.59 -10.25
O1A NAP D . -14.15 16.19 -10.42
O2A NAP D . -12.34 17.72 -11.12
O5B NAP D . -12.42 17.07 -8.76
C5B NAP D . -12.17 16.19 -7.72
C4B NAP D . -12.40 16.96 -6.42
O4B NAP D . -11.20 17.23 -5.74
C3B NAP D . -13.05 18.33 -6.63
O3B NAP D . -14.43 18.20 -6.82
C2B NAP D . -12.75 18.99 -5.33
O2B NAP D . -13.74 18.53 -4.44
C1B NAP D . -11.41 18.37 -4.92
N9A NAP D . -10.31 19.33 -5.08
C8A NAP D . -10.01 20.04 -6.21
N7A NAP D . -8.91 20.80 -5.95
C5A NAP D . -8.50 20.56 -4.68
C6A NAP D . -7.44 21.05 -3.92
N6A NAP D . -6.60 21.93 -4.43
N1A NAP D . -7.28 20.59 -2.63
C2A NAP D . -8.16 19.68 -2.09
N3A NAP D . -9.20 19.19 -2.85
C4A NAP D . -9.38 19.63 -4.13
O3 NAP D . -11.75 15.36 -10.55
PN NAP D . -12.05 13.82 -10.92
O1N NAP D . -12.20 13.61 -12.39
O2N NAP D . -12.98 13.34 -9.91
O5D NAP D . -10.55 13.29 -10.57
C5D NAP D . -10.10 13.37 -9.23
C4D NAP D . -8.60 13.11 -9.18
O4D NAP D . -8.35 11.76 -9.54
C3D NAP D . -7.87 13.96 -10.21
O3D NAP D . -6.59 14.26 -9.72
C2D NAP D . -7.72 13.05 -11.41
O2D NAP D . -6.64 13.42 -12.21
C1D NAP D . -7.51 11.73 -10.69
N1N NAP D . -7.85 10.56 -11.51
C2N NAP D . -6.90 9.59 -11.71
C3N NAP D . -7.18 8.47 -12.46
C7N NAP D . -6.24 7.31 -12.37
O7N NAP D . -5.60 7.07 -11.13
N7N NAP D . -6.05 6.55 -13.44
C4N NAP D . -8.46 8.31 -13.01
C5N NAP D . -9.43 9.30 -12.79
C6N NAP D . -9.11 10.42 -12.04
P2B NAP D . -14.30 19.47 -3.26
O1X NAP D . -15.50 18.78 -2.65
O2X NAP D . -13.27 19.66 -2.18
O3X NAP D . -14.66 20.79 -3.87
#